data_4P8L
#
_entry.id   4P8L
#
_cell.length_a   76.946
_cell.length_b   83.149
_cell.length_c   80.524
_cell.angle_alpha   90.00
_cell.angle_beta   102.79
_cell.angle_gamma   90.00
#
_symmetry.space_group_name_H-M   'P 1 21 1'
#
loop_
_entity.id
_entity.type
_entity.pdbx_description
1 polymer 'Probable decaprenylphosphoryl-beta-D-ribose oxidase'
2 non-polymer 'FLAVIN-ADENINE DINUCLEOTIDE'
3 non-polymer '3-[(4-fluorobenzyl)amino]-6-(trifluoromethyl)quinoxaline-2-carboxylic acid'
4 non-polymer IMIDAZOLE
5 water water
#
_entity_poly.entity_id   1
_entity_poly.type   'polypeptide(L)'
_entity_poly.pdbx_seq_one_letter_code
;GSSHHHHHHSSGLVPRGSHMLSVGATTTATRLTGWGRTAPSVANVLRTPDAEMIVKAVARVAESGGGRGAIARGLGRSYG
DNAQNGGGLVIDMTPLNTIHSIDADTKLVDIDAGVNLDQLMKAALPFGLWVPVLPGTRQVTVGGAIACDIHGKNHHSAGS
FGNHVRSMDLLTADGEIRHLTPTGEDAELFWATVGGNGLTGIIMRATIEMTPTSTAYFIADGDVTASLDETIALHSDGSE
ARYTYSSAWFDAISAPPKLGRAAVSRGRLATVEQLPAKLRSEPLKFDAPQLLTLPDVFPNGLANKYTFGPIGELWYRKSG
TYRGKVQNLTQFYHPLDMFGEWNRAYGPAGFLQYQFVIPTEAVDEFKKIIGVIQASGHYSFLNVFKLFGPRNQAPLSFPI
PGWNICVDFPIKDGLGKFVSELDRRVLEFGGRLYTAKDSRTTAETFHAMYPRVDEWISVRRKVDPLRVFASDMARRLELL
;
_entity_poly.pdbx_strand_id   A,B
#
# COMPACT_ATOMS: atom_id res chain seq x y z
N GLY A 24 -17.59 -11.60 13.81
CA GLY A 24 -18.66 -12.55 14.24
C GLY A 24 -18.29 -13.99 14.06
N ALA A 25 -17.98 -14.67 15.17
CA ALA A 25 -17.56 -16.08 15.16
C ALA A 25 -18.65 -17.04 14.69
N THR A 26 -18.26 -17.98 13.83
CA THR A 26 -19.14 -19.06 13.38
C THR A 26 -18.39 -20.41 13.39
N THR A 27 -19.10 -21.46 13.81
CA THR A 27 -18.61 -22.84 13.73
C THR A 27 -19.58 -23.65 12.88
N THR A 28 -19.10 -24.11 11.73
CA THR A 28 -19.94 -24.75 10.72
C THR A 28 -19.33 -26.05 10.22
N ALA A 29 -20.14 -27.10 10.11
CA ALA A 29 -19.71 -28.34 9.48
C ALA A 29 -19.54 -28.08 7.98
N THR A 30 -18.35 -28.36 7.46
CA THR A 30 -18.03 -28.04 6.07
C THR A 30 -17.23 -29.15 5.40
N ARG A 31 -17.64 -29.48 4.18
CA ARG A 31 -16.94 -30.44 3.35
C ARG A 31 -15.75 -29.73 2.71
N LEU A 32 -14.55 -30.18 3.04
CA LEU A 32 -13.34 -29.50 2.57
C LEU A 32 -12.51 -30.38 1.66
N THR A 33 -11.96 -29.74 0.63
CA THR A 33 -10.91 -30.33 -0.22
C THR A 33 -9.79 -29.29 -0.36
N GLY A 34 -8.60 -29.73 -0.73
CA GLY A 34 -7.54 -28.81 -1.16
C GLY A 34 -7.86 -28.33 -2.57
N TRP A 35 -6.94 -27.56 -3.14
CA TRP A 35 -7.09 -27.02 -4.49
C TRP A 35 -7.37 -28.08 -5.54
N GLY A 36 -6.88 -29.30 -5.30
CA GLY A 36 -7.04 -30.43 -6.21
C GLY A 36 -8.46 -31.02 -6.31
N ARG A 37 -9.34 -30.60 -5.40
CA ARG A 37 -10.72 -31.09 -5.33
C ARG A 37 -10.85 -32.61 -5.11
N THR A 38 -9.88 -33.20 -4.41
CA THR A 38 -9.90 -34.64 -4.10
C THR A 38 -9.96 -34.87 -2.59
N ALA A 39 -10.13 -36.13 -2.21
CA ALA A 39 -10.23 -36.57 -0.80
C ALA A 39 -11.02 -35.59 0.11
N PRO A 40 -12.32 -35.37 -0.18
CA PRO A 40 -13.12 -34.52 0.72
C PRO A 40 -13.32 -35.14 2.10
N SER A 41 -13.37 -34.30 3.12
CA SER A 41 -13.69 -34.74 4.47
C SER A 41 -14.40 -33.62 5.23
N VAL A 42 -15.28 -33.99 6.15
CA VAL A 42 -16.13 -33.02 6.83
C VAL A 42 -15.51 -32.64 8.17
N ALA A 43 -15.40 -31.34 8.41
CA ALA A 43 -14.85 -30.80 9.66
C ALA A 43 -15.67 -29.63 10.16
N ASN A 44 -15.63 -29.39 11.46
CA ASN A 44 -16.16 -28.16 12.03
C ASN A 44 -15.21 -27.00 11.73
N VAL A 45 -15.63 -26.11 10.83
CA VAL A 45 -14.81 -24.94 10.47
C VAL A 45 -15.13 -23.74 11.36
N LEU A 46 -14.19 -23.39 12.23
CA LEU A 46 -14.27 -22.14 12.98
C LEU A 46 -13.78 -20.97 12.13
N ARG A 47 -14.52 -19.87 12.17
CA ARG A 47 -14.16 -18.68 11.44
C ARG A 47 -14.46 -17.42 12.26
N THR A 48 -13.40 -16.87 12.86
CA THR A 48 -13.53 -15.70 13.73
C THR A 48 -12.39 -14.71 13.49
N PRO A 49 -12.71 -13.39 13.53
CA PRO A 49 -11.62 -12.42 13.46
C PRO A 49 -10.94 -12.20 14.81
N ASP A 50 -11.44 -12.88 15.83
CA ASP A 50 -10.98 -12.66 17.20
C ASP A 50 -9.92 -13.69 17.62
N ALA A 51 -8.69 -13.23 17.81
CA ALA A 51 -7.58 -14.07 18.26
C ALA A 51 -7.87 -14.81 19.56
N GLU A 52 -8.53 -14.11 20.49
CA GLU A 52 -8.90 -14.67 21.79
C GLU A 52 -9.78 -15.91 21.67
N MET A 53 -10.71 -15.87 20.70
CA MET A 53 -11.58 -17.00 20.41
C MET A 53 -10.81 -18.21 19.88
N ILE A 54 -9.88 -17.95 18.95
CA ILE A 54 -9.02 -19.01 18.45
C ILE A 54 -8.30 -19.71 19.60
N VAL A 55 -7.69 -18.93 20.50
CA VAL A 55 -7.02 -19.46 21.70
C VAL A 55 -7.95 -20.36 22.51
N LYS A 56 -9.19 -19.90 22.72
CA LYS A 56 -10.18 -20.65 23.48
C LYS A 56 -10.51 -22.01 22.89
N ALA A 57 -10.71 -22.04 21.58
CA ALA A 57 -10.99 -23.29 20.85
C ALA A 57 -9.85 -24.30 21.01
N VAL A 58 -8.61 -23.83 20.89
CA VAL A 58 -7.45 -24.69 21.05
C VAL A 58 -7.35 -25.19 22.50
N ALA A 59 -7.70 -24.32 23.45
CA ALA A 59 -7.73 -24.69 24.87
C ALA A 59 -8.82 -25.74 25.14
N ARG A 60 -9.94 -25.63 24.44
CA ARG A 60 -11.05 -26.58 24.50
C ARG A 60 -10.65 -27.96 23.97
N VAL A 61 -10.13 -28.00 22.75
CA VAL A 61 -9.58 -29.23 22.16
C VAL A 61 -8.55 -29.88 23.10
N ALA A 62 -7.67 -29.05 23.67
CA ALA A 62 -6.59 -29.55 24.53
C ALA A 62 -7.08 -30.05 25.90
N GLU A 63 -8.20 -29.52 26.37
CA GLU A 63 -8.83 -29.93 27.61
C GLU A 63 -9.48 -31.28 27.52
N SER A 64 -9.95 -31.56 26.32
CA SER A 64 -10.66 -32.77 26.01
C SER A 64 -9.85 -34.06 26.20
N GLY A 65 -8.55 -34.10 25.90
CA GLY A 65 -7.85 -33.12 25.12
C GLY A 65 -7.15 -33.79 23.95
N GLY A 66 -7.56 -33.40 22.76
CA GLY A 66 -7.12 -33.99 21.50
C GLY A 66 -8.35 -34.35 20.70
N GLY A 67 -8.99 -35.48 21.02
CA GLY A 67 -10.08 -35.98 20.19
C GLY A 67 -9.55 -36.20 18.80
N ARG A 68 -10.20 -35.63 17.79
CA ARG A 68 -9.68 -35.60 16.43
C ARG A 68 -8.84 -34.36 16.15
N GLY A 69 -8.65 -33.51 17.14
CA GLY A 69 -7.77 -32.34 17.07
C GLY A 69 -8.19 -31.17 16.20
N ALA A 70 -7.22 -30.31 15.87
CA ALA A 70 -7.46 -29.08 15.11
C ALA A 70 -6.32 -28.77 14.13
N ILE A 71 -6.64 -28.09 13.03
CA ILE A 71 -5.60 -27.62 12.09
C ILE A 71 -5.96 -26.23 11.55
N ALA A 72 -4.96 -25.36 11.38
CA ALA A 72 -5.20 -24.11 10.67
C ALA A 72 -5.47 -24.32 9.18
N ARG A 73 -6.26 -23.41 8.60
CA ARG A 73 -6.45 -23.33 7.16
C ARG A 73 -6.25 -21.90 6.71
N GLY A 74 -5.54 -21.73 5.59
CA GLY A 74 -5.32 -20.42 4.99
C GLY A 74 -6.29 -20.22 3.82
N LEU A 75 -5.75 -19.96 2.64
CA LEU A 75 -6.61 -19.74 1.47
C LEU A 75 -6.95 -21.01 0.69
N GLY A 76 -6.52 -22.17 1.22
CA GLY A 76 -6.82 -23.46 0.61
C GLY A 76 -6.12 -23.71 -0.73
N ARG A 77 -5.02 -23.01 -0.99
CA ARG A 77 -4.29 -23.19 -2.26
C ARG A 77 -3.42 -24.45 -2.35
N SER A 78 -3.14 -25.10 -1.21
CA SER A 78 -2.46 -26.40 -1.29
C SER A 78 -3.39 -27.42 -1.97
N TYR A 79 -2.81 -28.23 -2.84
CA TYR A 79 -3.60 -29.14 -3.67
C TYR A 79 -4.14 -30.33 -2.89
N GLY A 80 -3.46 -30.73 -1.83
CA GLY A 80 -3.80 -31.95 -1.12
C GLY A 80 -4.57 -31.71 0.15
N ASP A 81 -4.25 -32.49 1.18
CA ASP A 81 -5.08 -32.61 2.37
C ASP A 81 -4.44 -32.06 3.65
N ASN A 82 -3.51 -31.13 3.52
CA ASN A 82 -2.83 -30.61 4.72
C ASN A 82 -3.63 -29.60 5.55
N ALA A 83 -4.68 -29.02 4.96
CA ALA A 83 -5.52 -28.00 5.61
C ALA A 83 -6.95 -28.48 5.85
N GLN A 84 -7.08 -29.79 6.01
CA GLN A 84 -8.36 -30.35 6.41
C GLN A 84 -8.18 -31.38 7.52
N ASN A 85 -9.28 -31.65 8.22
CA ASN A 85 -9.22 -32.50 9.39
C ASN A 85 -10.56 -33.18 9.61
N GLY A 86 -10.79 -34.25 8.84
CA GLY A 86 -12.05 -35.00 8.84
C GLY A 86 -12.48 -35.42 10.23
N GLY A 87 -13.68 -35.00 10.60
CA GLY A 87 -14.22 -35.29 11.93
C GLY A 87 -13.63 -34.49 13.07
N GLY A 88 -12.96 -33.39 12.74
CA GLY A 88 -12.35 -32.54 13.76
C GLY A 88 -12.54 -31.07 13.48
N LEU A 89 -11.68 -30.24 14.08
CA LEU A 89 -11.78 -28.79 13.93
C LEU A 89 -10.81 -28.25 12.87
N VAL A 90 -11.34 -27.38 12.01
CA VAL A 90 -10.52 -26.57 11.11
C VAL A 90 -10.69 -25.11 11.50
N ILE A 91 -9.59 -24.40 11.70
CA ILE A 91 -9.67 -22.98 12.00
C ILE A 91 -9.28 -22.13 10.79
N ASP A 92 -10.29 -21.47 10.20
CA ASP A 92 -10.09 -20.59 9.06
C ASP A 92 -9.41 -19.29 9.51
N MET A 93 -8.17 -19.10 9.05
CA MET A 93 -7.34 -18.00 9.53
C MET A 93 -7.48 -16.71 8.74
N THR A 94 -8.21 -16.77 7.62
CA THR A 94 -8.35 -15.61 6.73
C THR A 94 -8.92 -14.31 7.35
N PRO A 95 -9.78 -14.40 8.40
CA PRO A 95 -10.24 -13.16 9.04
C PRO A 95 -9.19 -12.44 9.88
N LEU A 96 -8.12 -13.13 10.31
CA LEU A 96 -7.02 -12.47 11.00
C LEU A 96 -6.07 -11.91 9.96
N ASN A 97 -6.37 -10.73 9.44
CA ASN A 97 -5.69 -10.23 8.27
C ASN A 97 -5.26 -8.77 8.42
N THR A 98 -4.93 -8.40 9.65
CA THR A 98 -4.47 -7.06 9.95
C THR A 98 -2.99 -6.94 9.63
N ILE A 99 -2.66 -5.92 8.87
CA ILE A 99 -1.28 -5.48 8.74
C ILE A 99 -1.03 -4.48 9.88
N HIS A 100 -0.24 -4.89 10.87
CA HIS A 100 0.03 -4.02 12.02
C HIS A 100 0.97 -2.90 11.71
N SER A 101 2.07 -3.20 11.02
CA SER A 101 2.99 -2.16 10.64
C SER A 101 3.91 -2.57 9.50
N ILE A 102 4.42 -1.55 8.82
CA ILE A 102 5.45 -1.72 7.82
C ILE A 102 6.47 -0.61 8.11
N ASP A 103 7.75 -0.94 8.06
CA ASP A 103 8.79 0.06 8.34
C ASP A 103 9.83 -0.01 7.23
N ALA A 104 10.03 1.10 6.52
CA ALA A 104 10.96 1.16 5.39
C ALA A 104 12.42 1.13 5.83
N ASP A 105 12.68 1.65 7.03
CA ASP A 105 14.03 1.76 7.56
C ASP A 105 14.56 0.42 8.06
N THR A 106 13.75 -0.30 8.83
CA THR A 106 14.12 -1.64 9.28
C THR A 106 13.76 -2.71 8.24
N LYS A 107 12.94 -2.35 7.25
CA LYS A 107 12.44 -3.28 6.22
C LYS A 107 11.54 -4.39 6.76
N LEU A 108 11.04 -4.22 7.97
CA LEU A 108 10.20 -5.23 8.62
C LEU A 108 8.72 -4.96 8.42
N VAL A 109 7.95 -6.03 8.22
CA VAL A 109 6.49 -5.95 8.28
C VAL A 109 5.98 -6.83 9.42
N ASP A 110 5.00 -6.33 10.17
CA ASP A 110 4.38 -7.08 11.27
C ASP A 110 2.93 -7.34 10.91
N ILE A 111 2.59 -8.60 10.61
CA ILE A 111 1.26 -8.91 10.07
C ILE A 111 0.67 -10.17 10.67
N ASP A 112 -0.65 -10.19 10.79
CA ASP A 112 -1.42 -11.39 11.16
C ASP A 112 -1.20 -12.47 10.11
N ALA A 113 -1.28 -13.73 10.54
CA ALA A 113 -1.02 -14.87 9.65
C ALA A 113 -2.03 -15.01 8.51
N GLY A 114 -3.22 -14.43 8.66
CA GLY A 114 -4.24 -14.48 7.61
C GLY A 114 -4.07 -13.48 6.47
N VAL A 115 -3.16 -12.53 6.64
CA VAL A 115 -2.80 -11.61 5.57
C VAL A 115 -2.31 -12.44 4.36
N ASN A 116 -2.77 -12.10 3.17
CA ASN A 116 -2.29 -12.81 1.98
C ASN A 116 -1.22 -11.99 1.26
N LEU A 117 -0.49 -12.64 0.36
CA LEU A 117 0.71 -12.05 -0.24
C LEU A 117 0.43 -10.97 -1.29
N ASP A 118 -0.76 -11.01 -1.88
CA ASP A 118 -1.22 -9.95 -2.77
C ASP A 118 -1.49 -8.67 -1.98
N GLN A 119 -2.30 -8.79 -0.92
CA GLN A 119 -2.53 -7.72 0.04
C GLN A 119 -1.21 -7.11 0.55
N LEU A 120 -0.29 -7.98 0.97
CA LEU A 120 1.01 -7.55 1.49
C LEU A 120 1.85 -6.83 0.42
N MET A 121 1.95 -7.42 -0.77
CA MET A 121 2.66 -6.77 -1.88
C MET A 121 2.17 -5.34 -2.13
N LYS A 122 0.85 -5.18 -2.23
CA LYS A 122 0.22 -3.88 -2.47
C LYS A 122 0.45 -2.88 -1.34
N ALA A 123 0.38 -3.34 -0.10
CA ALA A 123 0.64 -2.48 1.07
C ALA A 123 2.11 -2.07 1.18
N ALA A 124 3.01 -2.96 0.80
CA ALA A 124 4.47 -2.72 0.98
C ALA A 124 5.15 -1.87 -0.12
N LEU A 125 4.62 -1.92 -1.34
CA LEU A 125 5.18 -1.20 -2.48
C LEU A 125 5.42 0.31 -2.24
N PRO A 126 4.46 1.03 -1.65
CA PRO A 126 4.74 2.44 -1.37
C PRO A 126 5.94 2.72 -0.47
N PHE A 127 6.43 1.70 0.24
CA PHE A 127 7.60 1.86 1.14
C PHE A 127 8.90 1.48 0.43
N GLY A 128 8.78 1.13 -0.85
CA GLY A 128 9.92 0.56 -1.58
C GLY A 128 10.31 -0.80 -1.03
N LEU A 129 9.31 -1.59 -0.65
CA LEU A 129 9.55 -2.94 -0.12
C LEU A 129 8.92 -4.02 -0.98
N TRP A 130 9.66 -5.12 -1.17
CA TRP A 130 9.26 -6.22 -2.02
C TRP A 130 9.12 -7.50 -1.22
N VAL A 131 7.97 -8.18 -1.32
CA VAL A 131 7.77 -9.51 -0.72
C VAL A 131 8.93 -10.41 -1.14
N PRO A 132 9.70 -10.93 -0.17
CA PRO A 132 10.97 -11.60 -0.53
C PRO A 132 10.83 -12.95 -1.28
N VAL A 133 9.73 -13.67 -1.05
CA VAL A 133 9.48 -14.91 -1.78
C VAL A 133 8.02 -14.93 -2.26
N LEU A 134 7.84 -14.96 -3.58
CA LEU A 134 6.51 -15.05 -4.18
C LEU A 134 6.32 -16.35 -4.95
N PRO A 135 5.23 -17.08 -4.66
CA PRO A 135 4.88 -18.29 -5.39
C PRO A 135 4.15 -17.92 -6.68
N GLY A 136 3.76 -18.92 -7.46
CA GLY A 136 3.10 -18.70 -8.76
C GLY A 136 1.66 -18.21 -8.71
N THR A 137 1.12 -18.04 -7.51
CA THR A 137 -0.17 -17.39 -7.31
C THR A 137 -0.10 -16.48 -6.09
N ARG A 138 -0.78 -15.34 -6.13
CA ARG A 138 -0.72 -14.39 -4.99
C ARG A 138 -1.74 -14.63 -3.89
N GLN A 139 -2.66 -15.55 -4.12
CA GLN A 139 -3.68 -15.86 -3.11
C GLN A 139 -3.20 -16.92 -2.13
N VAL A 140 -2.16 -16.62 -1.36
CA VAL A 140 -1.77 -17.52 -0.25
C VAL A 140 -1.54 -16.69 1.01
N THR A 141 -1.88 -17.27 2.16
CA THR A 141 -1.71 -16.57 3.43
C THR A 141 -0.25 -16.61 3.86
N VAL A 142 0.10 -15.70 4.76
CA VAL A 142 1.41 -15.68 5.39
C VAL A 142 1.58 -16.97 6.18
N GLY A 143 0.55 -17.40 6.90
CA GLY A 143 0.65 -18.68 7.61
C GLY A 143 0.86 -19.87 6.68
N GLY A 144 0.21 -19.85 5.52
CA GLY A 144 0.35 -20.96 4.56
C GLY A 144 1.74 -20.90 3.91
N ALA A 145 2.22 -19.68 3.72
CA ALA A 145 3.56 -19.45 3.16
C ALA A 145 4.62 -20.00 4.12
N ILE A 146 4.44 -19.78 5.42
CA ILE A 146 5.39 -20.29 6.42
C ILE A 146 5.28 -21.81 6.58
N ALA A 147 4.06 -22.29 6.68
CA ALA A 147 3.80 -23.70 6.99
C ALA A 147 4.26 -24.62 5.89
N CYS A 148 4.34 -24.11 4.66
CA CYS A 148 4.79 -24.95 3.55
C CYS A 148 6.20 -24.55 3.11
N ASP A 149 6.76 -23.54 3.79
CA ASP A 149 8.08 -22.97 3.51
C ASP A 149 8.19 -22.75 1.98
N ILE A 150 7.25 -21.97 1.45
CA ILE A 150 7.03 -21.90 0.02
C ILE A 150 8.25 -21.32 -0.70
N HIS A 151 8.36 -21.60 -1.98
CA HIS A 151 9.50 -21.14 -2.76
C HIS A 151 9.00 -20.39 -3.97
N GLY A 152 9.91 -19.73 -4.67
CA GLY A 152 9.57 -18.99 -5.86
C GLY A 152 10.68 -18.98 -6.89
N LYS A 153 10.45 -18.18 -7.91
CA LYS A 153 11.35 -17.99 -9.05
C LYS A 153 12.74 -17.52 -8.61
N ASN A 154 12.83 -16.89 -7.45
CA ASN A 154 14.13 -16.48 -6.90
C ASN A 154 14.72 -17.43 -5.85
N HIS A 155 14.30 -18.69 -5.79
CA HIS A 155 14.82 -19.57 -4.75
C HIS A 155 16.32 -19.66 -4.73
N HIS A 156 16.94 -19.70 -5.91
CA HIS A 156 18.39 -19.93 -5.97
C HIS A 156 19.20 -18.76 -5.45
N SER A 157 18.57 -17.60 -5.33
CA SER A 157 19.24 -16.40 -4.81
C SER A 157 18.71 -15.96 -3.46
N ALA A 158 17.47 -16.35 -3.11
CA ALA A 158 16.89 -15.86 -1.85
C ALA A 158 16.39 -16.90 -0.85
N GLY A 159 16.46 -18.18 -1.24
CA GLY A 159 15.97 -19.30 -0.42
C GLY A 159 14.46 -19.32 -0.44
N SER A 160 13.87 -19.99 0.54
CA SER A 160 12.40 -20.07 0.64
C SER A 160 11.86 -19.08 1.66
N PHE A 161 10.53 -19.07 1.82
CA PHE A 161 9.87 -18.08 2.67
C PHE A 161 10.44 -18.06 4.09
N GLY A 162 10.71 -19.25 4.63
CA GLY A 162 11.19 -19.40 6.00
C GLY A 162 12.44 -18.60 6.30
N ASN A 163 13.30 -18.46 5.27
CA ASN A 163 14.57 -17.72 5.38
C ASN A 163 14.36 -16.27 5.77
N HIS A 164 13.15 -15.76 5.56
CA HIS A 164 12.90 -14.33 5.70
C HIS A 164 12.03 -13.98 6.86
N VAL A 165 11.59 -14.99 7.61
CA VAL A 165 10.80 -14.76 8.82
C VAL A 165 11.75 -14.39 9.98
N ARG A 166 11.57 -13.20 10.56
CA ARG A 166 12.42 -12.78 11.68
C ARG A 166 11.81 -13.17 13.03
N SER A 167 10.48 -13.29 13.09
CA SER A 167 9.83 -13.83 14.27
C SER A 167 8.43 -14.31 13.90
N MET A 168 7.86 -15.18 14.73
CA MET A 168 6.45 -15.51 14.62
C MET A 168 5.88 -15.92 15.98
N ASP A 169 4.60 -15.67 16.16
CA ASP A 169 3.88 -16.01 17.38
C ASP A 169 3.07 -17.27 17.12
N LEU A 170 3.45 -18.33 17.81
CA LEU A 170 2.82 -19.63 17.64
C LEU A 170 1.93 -19.99 18.83
N LEU A 171 0.66 -20.25 18.55
CA LEU A 171 -0.26 -20.77 19.56
C LEU A 171 -0.09 -22.28 19.67
N THR A 172 0.48 -22.73 20.79
CA THR A 172 0.76 -24.15 20.99
C THR A 172 -0.37 -24.90 21.69
N ALA A 173 -0.23 -26.23 21.78
CA ALA A 173 -1.27 -27.11 22.33
C ALA A 173 -1.60 -26.79 23.79
N ASP A 174 -0.60 -26.34 24.54
CA ASP A 174 -0.76 -25.91 25.94
C ASP A 174 -1.56 -24.60 26.11
N GLY A 175 -2.02 -24.02 24.99
CA GLY A 175 -2.78 -22.78 25.00
C GLY A 175 -1.97 -21.50 25.13
N GLU A 176 -0.65 -21.63 25.20
CA GLU A 176 0.24 -20.47 25.27
C GLU A 176 0.56 -19.94 23.88
N ILE A 177 0.97 -18.67 23.81
CA ILE A 177 1.51 -18.09 22.58
C ILE A 177 3.01 -17.84 22.72
N ARG A 178 3.80 -18.59 21.96
CA ARG A 178 5.25 -18.51 22.05
C ARG A 178 5.83 -17.66 20.94
N HIS A 179 6.67 -16.72 21.35
CA HIS A 179 7.39 -15.86 20.42
C HIS A 179 8.62 -16.58 19.94
N LEU A 180 8.63 -16.98 18.68
CA LEU A 180 9.71 -17.78 18.12
C LEU A 180 10.56 -16.94 17.20
N THR A 181 11.87 -17.16 17.25
CA THR A 181 12.84 -16.47 16.40
C THR A 181 13.79 -17.50 15.81
N PRO A 182 14.37 -17.24 14.61
CA PRO A 182 15.16 -18.28 13.95
C PRO A 182 16.41 -18.71 14.71
N THR A 183 16.97 -17.81 15.53
CA THR A 183 18.23 -18.12 16.24
C THR A 183 18.11 -17.93 17.74
N GLY A 184 16.91 -17.65 18.21
CA GLY A 184 16.65 -17.52 19.64
C GLY A 184 16.66 -18.85 20.38
N GLU A 185 16.08 -18.82 21.57
CA GLU A 185 16.07 -19.97 22.46
C GLU A 185 15.11 -21.03 21.93
N ASP A 186 14.09 -20.59 21.19
CA ASP A 186 13.08 -21.46 20.61
C ASP A 186 13.33 -21.74 19.12
N ALA A 187 14.59 -21.75 18.71
CA ALA A 187 14.96 -21.95 17.29
C ALA A 187 14.53 -23.30 16.73
N GLU A 188 14.63 -24.35 17.56
CA GLU A 188 14.22 -25.69 17.18
C GLU A 188 12.74 -25.74 16.79
N LEU A 189 11.90 -25.13 17.63
CA LEU A 189 10.47 -25.04 17.37
C LEU A 189 10.15 -24.11 16.18
N PHE A 190 10.95 -23.04 16.05
CA PHE A 190 10.83 -22.13 14.91
C PHE A 190 11.00 -22.91 13.60
N TRP A 191 12.11 -23.65 13.52
CA TRP A 191 12.46 -24.35 12.28
C TRP A 191 11.67 -25.61 12.03
N ALA A 192 10.94 -26.07 13.05
CA ALA A 192 9.99 -27.18 12.88
C ALA A 192 8.62 -26.68 12.42
N THR A 193 8.34 -25.41 12.70
CA THR A 193 7.09 -24.76 12.30
C THR A 193 7.19 -24.36 10.82
N VAL A 194 8.37 -23.85 10.45
CA VAL A 194 8.70 -23.64 9.04
C VAL A 194 8.58 -24.99 8.35
N GLY A 195 7.76 -25.04 7.32
CA GLY A 195 7.53 -26.29 6.60
C GLY A 195 6.77 -27.35 7.37
N GLY A 196 6.17 -26.99 8.52
CA GLY A 196 5.50 -27.97 9.40
C GLY A 196 4.04 -28.29 9.11
N ASN A 197 3.48 -27.69 8.06
CA ASN A 197 2.11 -27.95 7.66
C ASN A 197 1.14 -27.83 8.84
N GLY A 198 1.33 -26.79 9.65
CA GLY A 198 0.40 -26.48 10.75
C GLY A 198 0.45 -27.40 11.95
N LEU A 199 1.43 -28.30 11.99
CA LEU A 199 1.43 -29.37 12.99
C LEU A 199 2.23 -29.11 14.27
N THR A 200 2.68 -27.87 14.45
CA THR A 200 3.32 -27.44 15.70
C THR A 200 2.43 -26.43 16.41
N GLY A 201 1.33 -26.06 15.76
CA GLY A 201 0.39 -25.11 16.32
C GLY A 201 -0.14 -24.11 15.31
N ILE A 202 -0.71 -23.04 15.82
CA ILE A 202 -1.31 -22.04 14.95
C ILE A 202 -0.46 -20.79 14.96
N ILE A 203 0.10 -20.46 13.79
CA ILE A 203 0.84 -19.21 13.62
C ILE A 203 -0.18 -18.09 13.66
N MET A 204 -0.03 -17.19 14.62
CA MET A 204 -0.99 -16.11 14.78
C MET A 204 -0.52 -14.85 14.07
N ARG A 205 0.80 -14.66 14.03
CA ARG A 205 1.37 -13.36 13.70
C ARG A 205 2.85 -13.58 13.41
N ALA A 206 3.40 -12.78 12.51
CA ALA A 206 4.81 -12.91 12.15
C ALA A 206 5.36 -11.57 11.74
N THR A 207 6.70 -11.48 11.81
CA THR A 207 7.46 -10.35 11.33
C THR A 207 8.36 -10.88 10.20
N ILE A 208 8.31 -10.24 9.05
CA ILE A 208 9.05 -10.66 7.86
C ILE A 208 9.97 -9.54 7.46
N GLU A 209 11.21 -9.87 7.09
CA GLU A 209 12.11 -8.89 6.53
C GLU A 209 11.90 -8.87 5.02
N MET A 210 11.62 -7.68 4.49
CA MET A 210 11.29 -7.51 3.09
C MET A 210 12.56 -7.22 2.31
N THR A 211 12.45 -7.25 0.99
CA THR A 211 13.55 -6.92 0.11
C THR A 211 13.36 -5.48 -0.39
N PRO A 212 14.39 -4.63 -0.25
CA PRO A 212 14.20 -3.25 -0.74
C PRO A 212 14.14 -3.23 -2.25
N THR A 213 13.37 -2.29 -2.80
CA THR A 213 13.24 -2.12 -4.24
C THR A 213 12.92 -0.66 -4.56
N SER A 214 13.40 -0.19 -5.71
CA SER A 214 13.05 1.17 -6.15
C SER A 214 11.91 1.16 -7.17
N THR A 215 11.53 -0.03 -7.65
CA THR A 215 10.46 -0.14 -8.66
C THR A 215 9.64 -1.42 -8.53
N ALA A 216 8.49 -1.45 -9.18
CA ALA A 216 7.66 -2.66 -9.24
C ALA A 216 7.86 -3.45 -10.54
N TYR A 217 9.03 -3.28 -11.18
CA TYR A 217 9.31 -3.89 -12.48
C TYR A 217 10.55 -4.78 -12.48
N PHE A 218 10.60 -5.68 -13.47
CA PHE A 218 11.76 -6.53 -13.71
C PHE A 218 12.44 -6.15 -15.05
N ILE A 219 13.76 -6.32 -15.09
CA ILE A 219 14.51 -6.36 -16.35
C ILE A 219 14.79 -7.85 -16.64
N ALA A 220 14.37 -8.33 -17.80
CA ALA A 220 14.36 -9.75 -18.13
C ALA A 220 15.12 -10.15 -19.41
N ASP A 221 15.75 -11.32 -19.35
CA ASP A 221 16.31 -12.00 -20.51
C ASP A 221 15.55 -13.30 -20.72
N GLY A 222 15.19 -13.52 -21.97
CA GLY A 222 14.50 -14.75 -22.34
C GLY A 222 15.33 -15.56 -23.29
N ASP A 223 15.28 -16.88 -23.12
CA ASP A 223 15.93 -17.82 -24.02
C ASP A 223 15.02 -19.00 -24.32
N VAL A 224 15.14 -19.54 -25.53
CA VAL A 224 14.39 -20.73 -25.90
C VAL A 224 15.41 -21.78 -26.29
N THR A 225 15.28 -22.96 -25.69
CA THR A 225 16.19 -24.08 -25.97
C THR A 225 15.47 -25.10 -26.85
N ALA A 226 16.24 -25.99 -27.46
CA ALA A 226 15.72 -26.94 -28.43
C ALA A 226 15.45 -28.35 -27.85
N SER A 227 16.00 -28.62 -26.68
CA SER A 227 16.00 -29.97 -26.10
C SER A 227 16.29 -29.92 -24.61
N LEU A 228 16.03 -31.03 -23.93
CA LEU A 228 16.38 -31.20 -22.51
C LEU A 228 17.87 -30.94 -22.25
N ASP A 229 18.75 -31.50 -23.08
CA ASP A 229 20.19 -31.33 -22.91
C ASP A 229 20.58 -29.88 -22.94
N GLU A 230 19.93 -29.13 -23.83
CA GLU A 230 20.14 -27.69 -23.98
C GLU A 230 19.63 -26.92 -22.76
N THR A 231 18.46 -27.31 -22.26
CA THR A 231 17.88 -26.68 -21.07
C THR A 231 18.80 -26.86 -19.86
N ILE A 232 19.31 -28.07 -19.69
CA ILE A 232 20.26 -28.36 -18.62
C ILE A 232 21.57 -27.57 -18.77
N ALA A 233 22.11 -27.50 -19.98
CA ALA A 233 23.38 -26.77 -20.21
C ALA A 233 23.27 -25.28 -19.83
N LEU A 234 22.18 -24.64 -20.27
CA LEU A 234 21.90 -23.25 -19.93
C LEU A 234 21.85 -23.02 -18.41
N HIS A 235 21.35 -24.00 -17.66
CA HIS A 235 21.25 -23.85 -16.22
C HIS A 235 22.54 -24.22 -15.52
N SER A 236 23.49 -24.77 -16.28
CA SER A 236 24.75 -25.27 -15.72
C SER A 236 25.98 -24.51 -16.21
N ASP A 237 25.79 -23.51 -17.06
CA ASP A 237 26.94 -22.82 -17.63
C ASP A 237 27.41 -21.63 -16.80
N GLY A 238 26.80 -21.45 -15.63
CA GLY A 238 27.18 -20.35 -14.73
C GLY A 238 26.26 -19.15 -14.81
N SER A 239 25.41 -19.08 -15.84
CA SER A 239 24.61 -17.87 -16.07
C SER A 239 23.56 -17.61 -14.99
N GLU A 240 23.19 -18.64 -14.23
CA GLU A 240 22.16 -18.49 -13.19
C GLU A 240 22.53 -17.47 -12.12
N ALA A 241 23.82 -17.37 -11.83
CA ALA A 241 24.35 -16.41 -10.86
C ALA A 241 24.15 -14.92 -11.22
N ARG A 242 23.84 -14.66 -12.49
CA ARG A 242 23.63 -13.30 -12.97
C ARG A 242 22.18 -12.84 -12.86
N TYR A 243 21.32 -13.74 -12.37
CA TYR A 243 19.89 -13.47 -12.26
C TYR A 243 19.37 -13.84 -10.88
N THR A 244 18.67 -12.90 -10.24
CA THR A 244 18.04 -13.17 -8.98
C THR A 244 16.79 -14.05 -9.19
N TYR A 245 16.16 -13.92 -10.36
CA TYR A 245 14.95 -14.68 -10.67
C TYR A 245 15.11 -15.52 -11.93
N SER A 246 14.67 -16.79 -11.87
CA SER A 246 14.83 -17.72 -12.99
C SER A 246 13.84 -18.88 -12.90
N SER A 247 13.05 -19.08 -13.97
CA SER A 247 12.20 -20.26 -14.14
C SER A 247 11.98 -20.52 -15.63
N ALA A 248 11.40 -21.67 -15.94
CA ALA A 248 11.20 -22.07 -17.32
C ALA A 248 9.93 -22.91 -17.48
N TRP A 249 9.30 -22.83 -18.65
CA TRP A 249 8.30 -23.83 -19.02
C TRP A 249 8.97 -24.82 -19.93
N PHE A 250 8.71 -26.11 -19.73
CA PHE A 250 9.27 -27.10 -20.61
C PHE A 250 8.24 -28.02 -21.26
N ASP A 251 8.66 -28.65 -22.36
CA ASP A 251 7.84 -29.58 -23.11
C ASP A 251 8.03 -30.99 -22.50
N ALA A 252 6.96 -31.52 -21.92
CA ALA A 252 6.95 -32.87 -21.31
C ALA A 252 6.27 -33.93 -22.17
N ILE A 253 5.84 -33.56 -23.38
CA ILE A 253 5.05 -34.45 -24.25
C ILE A 253 5.81 -34.94 -25.49
N SER A 254 6.57 -34.06 -26.13
CA SER A 254 7.29 -34.40 -27.34
C SER A 254 8.36 -35.47 -27.11
N ALA A 255 8.46 -36.39 -28.05
CA ALA A 255 9.53 -37.36 -28.09
C ALA A 255 10.88 -36.65 -28.07
N PRO A 256 11.93 -37.32 -27.54
CA PRO A 256 13.28 -36.78 -27.72
C PRO A 256 13.59 -36.68 -29.22
N PRO A 257 14.36 -35.67 -29.65
CA PRO A 257 15.11 -34.69 -28.87
C PRO A 257 14.33 -33.43 -28.44
N LYS A 258 13.10 -33.26 -28.92
CA LYS A 258 12.32 -32.09 -28.55
C LYS A 258 11.95 -32.11 -27.06
N LEU A 259 11.74 -33.31 -26.50
CA LEU A 259 11.53 -33.48 -25.05
C LEU A 259 12.43 -32.58 -24.23
N GLY A 260 11.82 -31.78 -23.37
CA GLY A 260 12.59 -30.96 -22.42
C GLY A 260 13.11 -29.64 -22.97
N ARG A 261 12.69 -29.30 -24.19
CA ARG A 261 12.90 -27.93 -24.71
C ARG A 261 12.10 -26.98 -23.83
N ALA A 262 12.51 -25.72 -23.78
CA ALA A 262 12.04 -24.82 -22.74
C ALA A 262 11.99 -23.37 -23.20
N ALA A 263 11.02 -22.62 -22.66
CA ALA A 263 11.06 -21.16 -22.70
C ALA A 263 11.50 -20.67 -21.30
N VAL A 264 12.68 -20.09 -21.25
CA VAL A 264 13.31 -19.68 -20.00
C VAL A 264 13.14 -18.17 -19.81
N SER A 265 12.72 -17.78 -18.62
CA SER A 265 12.54 -16.38 -18.31
C SER A 265 13.40 -16.04 -17.09
N ARG A 266 14.36 -15.14 -17.24
CA ARG A 266 15.28 -14.80 -16.14
C ARG A 266 15.43 -13.30 -16.02
N GLY A 267 15.51 -12.80 -14.80
CA GLY A 267 15.70 -11.37 -14.61
C GLY A 267 16.08 -10.96 -13.21
N ARG A 268 15.88 -9.67 -12.93
CA ARG A 268 16.09 -9.07 -11.62
C ARG A 268 15.18 -7.86 -11.53
N LEU A 269 14.89 -7.40 -10.33
CA LEU A 269 14.09 -6.19 -10.16
C LEU A 269 14.80 -5.01 -10.83
N ALA A 270 14.04 -4.17 -11.51
CA ALA A 270 14.58 -2.99 -12.20
C ALA A 270 14.87 -1.88 -11.19
N THR A 271 15.84 -1.03 -11.51
CA THR A 271 16.02 0.25 -10.81
C THR A 271 15.31 1.34 -11.60
N VAL A 272 15.01 2.46 -10.94
CA VAL A 272 14.28 3.57 -11.54
C VAL A 272 14.86 4.02 -12.89
N GLU A 273 16.17 4.21 -12.97
CA GLU A 273 16.79 4.70 -14.21
C GLU A 273 16.71 3.69 -15.38
N GLN A 274 16.46 2.42 -15.06
CA GLN A 274 16.30 1.39 -16.09
C GLN A 274 14.90 1.39 -16.71
N LEU A 275 14.00 2.16 -16.12
CA LEU A 275 12.66 2.31 -16.68
C LEU A 275 12.69 3.33 -17.82
N PRO A 276 11.85 3.13 -18.85
CA PRO A 276 11.65 4.22 -19.81
C PRO A 276 11.03 5.42 -19.09
N ALA A 277 11.29 6.63 -19.59
CA ALA A 277 10.84 7.87 -18.95
C ALA A 277 9.35 7.86 -18.60
N LYS A 278 8.55 7.28 -19.49
CA LYS A 278 7.11 7.10 -19.32
C LYS A 278 6.72 6.50 -17.97
N LEU A 279 7.50 5.54 -17.48
CA LEU A 279 7.18 4.81 -16.26
C LEU A 279 7.90 5.33 -15.01
N ARG A 280 8.81 6.28 -15.21
CA ARG A 280 9.63 6.82 -14.11
C ARG A 280 8.91 7.65 -13.07
N SER A 281 7.75 8.21 -13.44
CA SER A 281 6.99 9.06 -12.53
C SER A 281 6.27 8.25 -11.45
N GLU A 282 5.93 7.00 -11.76
CA GLU A 282 5.35 6.09 -10.75
C GLU A 282 6.11 4.77 -10.76
N PRO A 283 7.32 4.73 -10.19
CA PRO A 283 8.08 3.51 -10.42
C PRO A 283 7.59 2.30 -9.61
N LEU A 284 6.90 2.57 -8.51
CA LEU A 284 6.47 1.53 -7.57
C LEU A 284 5.00 1.11 -7.77
N LYS A 285 4.41 1.54 -8.88
CA LYS A 285 3.00 1.30 -9.15
C LYS A 285 2.75 -0.12 -9.63
N PHE A 286 1.70 -0.75 -9.12
CA PHE A 286 1.24 -1.99 -9.73
C PHE A 286 0.06 -1.72 -10.68
N ASP A 287 0.22 -2.16 -11.93
CA ASP A 287 -0.79 -1.97 -12.98
C ASP A 287 -1.96 -2.92 -12.75
N ALA A 288 -3.17 -2.46 -13.08
CA ALA A 288 -4.37 -3.29 -13.00
C ALA A 288 -4.32 -4.45 -14.00
N PRO A 289 -4.54 -5.70 -13.52
CA PRO A 289 -4.73 -6.83 -14.43
C PRO A 289 -5.88 -6.52 -15.40
N GLN A 290 -5.54 -6.34 -16.68
CA GLN A 290 -6.50 -5.86 -17.68
C GLN A 290 -7.66 -6.83 -17.95
N LEU A 291 -8.66 -6.34 -18.69
CA LEU A 291 -9.91 -7.06 -18.90
C LEU A 291 -9.75 -8.30 -19.80
N LEU A 292 -9.28 -8.07 -21.02
CA LEU A 292 -9.22 -9.11 -22.04
C LEU A 292 -7.97 -9.99 -21.88
N THR A 293 -8.22 -11.30 -21.91
CA THR A 293 -7.16 -12.30 -21.98
C THR A 293 -7.18 -12.92 -23.37
N LEU A 294 -6.21 -13.80 -23.67
CA LEU A 294 -6.10 -14.40 -25.00
C LEU A 294 -7.33 -15.21 -25.47
N PRO A 295 -7.97 -16.00 -24.56
CA PRO A 295 -9.21 -16.69 -24.96
C PRO A 295 -10.32 -15.75 -25.42
N ASP A 296 -10.34 -14.54 -24.87
CA ASP A 296 -11.32 -13.53 -25.24
C ASP A 296 -11.03 -12.99 -26.64
N VAL A 297 -9.75 -12.78 -26.95
CA VAL A 297 -9.34 -12.20 -28.23
C VAL A 297 -9.24 -13.24 -29.35
N PHE A 298 -8.76 -14.43 -29.03
CA PHE A 298 -8.64 -15.51 -30.02
C PHE A 298 -9.37 -16.77 -29.52
N PRO A 299 -10.71 -16.80 -29.64
CA PRO A 299 -11.51 -17.90 -29.07
C PRO A 299 -11.25 -19.24 -29.75
N ASN A 300 -10.87 -19.22 -31.02
CA ASN A 300 -10.57 -20.43 -31.78
C ASN A 300 -9.16 -20.98 -31.54
N GLY A 301 -8.37 -20.27 -30.73
CA GLY A 301 -7.01 -20.72 -30.39
C GLY A 301 -5.90 -19.98 -31.11
N LEU A 302 -4.67 -20.42 -30.91
CA LEU A 302 -3.51 -19.73 -31.46
C LEU A 302 -2.85 -20.45 -32.65
N ALA A 303 -3.34 -21.64 -32.98
CA ALA A 303 -2.77 -22.47 -34.05
C ALA A 303 -3.11 -21.98 -35.45
N ASN A 304 -2.09 -21.88 -36.30
CA ASN A 304 -2.26 -21.64 -37.73
C ASN A 304 -1.49 -22.72 -38.50
N LYS A 305 -1.37 -22.58 -39.82
CA LYS A 305 -0.76 -23.64 -40.63
C LYS A 305 0.76 -23.73 -40.43
N TYR A 306 1.32 -22.71 -39.78
CA TYR A 306 2.77 -22.62 -39.55
C TYR A 306 3.22 -23.17 -38.21
N THR A 307 2.28 -23.27 -37.26
CA THR A 307 2.59 -23.50 -35.84
C THR A 307 3.49 -24.70 -35.54
N PHE A 308 3.23 -25.81 -36.20
CA PHE A 308 3.91 -27.06 -35.87
C PHE A 308 5.07 -27.42 -36.81
N GLY A 309 5.41 -26.49 -37.72
CA GLY A 309 6.52 -26.71 -38.61
C GLY A 309 7.67 -25.76 -38.33
N PRO A 310 8.67 -25.76 -39.23
CA PRO A 310 9.91 -24.99 -39.07
C PRO A 310 9.72 -23.49 -38.90
N ILE A 311 8.67 -22.91 -39.49
CA ILE A 311 8.40 -21.47 -39.30
C ILE A 311 7.84 -21.19 -37.91
N GLY A 312 7.01 -22.10 -37.41
CA GLY A 312 6.53 -22.05 -36.01
C GLY A 312 7.65 -22.14 -35.00
N GLU A 313 8.51 -23.13 -35.17
CA GLU A 313 9.67 -23.29 -34.30
C GLU A 313 10.51 -22.02 -34.27
N LEU A 314 10.77 -21.47 -35.45
CA LEU A 314 11.56 -20.25 -35.60
C LEU A 314 10.89 -19.04 -34.94
N TRP A 315 9.57 -18.93 -35.13
CA TRP A 315 8.84 -17.82 -34.56
C TRP A 315 8.88 -17.85 -33.05
N TYR A 316 8.63 -19.03 -32.49
CA TYR A 316 8.68 -19.27 -31.06
C TYR A 316 10.07 -18.97 -30.50
N ARG A 317 11.10 -19.48 -31.17
CA ARG A 317 12.49 -19.21 -30.77
C ARG A 317 12.81 -17.70 -30.74
N LYS A 318 12.41 -16.99 -31.80
CA LYS A 318 12.65 -15.53 -31.88
C LYS A 318 11.86 -14.73 -30.84
N SER A 319 10.58 -15.05 -30.66
CA SER A 319 9.75 -14.29 -29.73
C SER A 319 10.15 -14.49 -28.25
N GLY A 320 10.64 -15.69 -27.91
CA GLY A 320 11.04 -15.99 -26.53
C GLY A 320 12.51 -15.74 -26.25
N THR A 321 13.22 -15.16 -27.22
CA THR A 321 14.62 -14.75 -27.03
C THR A 321 14.69 -13.23 -27.04
N TYR A 322 15.22 -12.67 -25.96
CA TYR A 322 15.29 -11.20 -25.80
C TYR A 322 16.24 -10.82 -24.68
N ARG A 323 16.64 -9.55 -24.67
CA ARG A 323 17.53 -9.07 -23.64
C ARG A 323 17.08 -7.71 -23.15
N GLY A 324 17.15 -7.55 -21.83
CA GLY A 324 16.89 -6.27 -21.18
C GLY A 324 15.47 -5.76 -21.30
N LYS A 325 14.49 -6.66 -21.32
CA LYS A 325 13.08 -6.27 -21.46
C LYS A 325 12.44 -5.91 -20.12
N VAL A 326 11.91 -4.69 -20.03
CA VAL A 326 11.22 -4.22 -18.84
C VAL A 326 9.83 -4.84 -18.80
N GLN A 327 9.51 -5.50 -17.70
CA GLN A 327 8.20 -6.14 -17.51
C GLN A 327 7.63 -5.83 -16.14
N ASN A 328 6.30 -5.68 -16.06
CA ASN A 328 5.61 -5.66 -14.77
C ASN A 328 5.50 -7.07 -14.17
N LEU A 329 4.79 -7.17 -13.05
CA LEU A 329 4.68 -8.42 -12.32
C LEU A 329 3.99 -9.52 -13.11
N THR A 330 2.84 -9.20 -13.71
CA THR A 330 2.09 -10.17 -14.52
C THR A 330 2.96 -10.70 -15.67
N GLN A 331 3.61 -9.80 -16.40
CA GLN A 331 4.41 -10.19 -17.57
C GLN A 331 5.54 -11.14 -17.21
N PHE A 332 6.32 -10.75 -16.20
CA PHE A 332 7.48 -11.52 -15.79
C PHE A 332 7.09 -12.73 -14.95
N TYR A 333 6.15 -12.55 -14.03
CA TYR A 333 5.93 -13.53 -12.96
C TYR A 333 4.69 -14.39 -13.12
N HIS A 334 3.66 -13.84 -13.77
CA HIS A 334 2.45 -14.61 -14.01
C HIS A 334 2.15 -14.72 -15.49
N PRO A 335 3.13 -15.20 -16.31
CA PRO A 335 2.98 -15.13 -17.78
C PRO A 335 1.85 -16.01 -18.32
N LEU A 336 1.37 -16.95 -17.51
CA LEU A 336 0.28 -17.85 -17.90
C LEU A 336 -1.11 -17.25 -17.64
N ASP A 337 -1.16 -16.10 -16.96
CA ASP A 337 -2.42 -15.37 -16.72
C ASP A 337 -3.14 -14.96 -18.01
N MET A 338 -2.36 -14.61 -19.03
CA MET A 338 -2.89 -14.24 -20.36
C MET A 338 -3.65 -15.39 -21.04
N PHE A 339 -3.31 -16.63 -20.69
CA PHE A 339 -3.95 -17.81 -21.28
C PHE A 339 -5.37 -18.09 -20.76
N GLY A 340 -5.80 -17.29 -19.78
CA GLY A 340 -7.18 -17.30 -19.28
C GLY A 340 -7.75 -18.65 -18.90
N GLU A 341 -8.87 -19.00 -19.53
CA GLU A 341 -9.60 -20.24 -19.23
C GLU A 341 -8.94 -21.49 -19.82
N TRP A 342 -7.94 -21.29 -20.69
CA TRP A 342 -7.27 -22.39 -21.39
C TRP A 342 -6.43 -23.29 -20.53
N ASN A 343 -5.81 -22.74 -19.49
CA ASN A 343 -4.99 -23.55 -18.58
C ASN A 343 -5.83 -24.38 -17.60
N ARG A 344 -5.47 -25.66 -17.47
CA ARG A 344 -6.22 -26.63 -16.65
C ARG A 344 -7.70 -26.72 -17.05
N ALA A 345 -7.93 -26.85 -18.35
CA ALA A 345 -9.28 -26.82 -18.89
C ALA A 345 -9.76 -28.20 -19.35
N TYR A 346 -11.06 -28.27 -19.64
CA TYR A 346 -11.68 -29.37 -20.39
C TYR A 346 -11.83 -30.71 -19.64
N GLY A 347 -11.14 -30.85 -18.51
CA GLY A 347 -11.14 -32.11 -17.76
C GLY A 347 -12.16 -32.16 -16.65
N PRO A 348 -13.23 -32.97 -16.83
CA PRO A 348 -14.22 -33.15 -15.74
C PRO A 348 -13.68 -34.05 -14.62
N ALA A 349 -12.77 -34.96 -14.97
CA ALA A 349 -12.14 -35.87 -14.01
C ALA A 349 -11.18 -35.14 -13.06
N GLY A 350 -10.66 -34.00 -13.51
CA GLY A 350 -9.70 -33.22 -12.73
C GLY A 350 -8.28 -33.49 -13.17
N PHE A 351 -7.34 -32.94 -12.42
CA PHE A 351 -5.92 -33.03 -12.74
C PHE A 351 -5.16 -33.45 -11.48
N LEU A 352 -4.02 -34.10 -11.66
CA LEU A 352 -3.15 -34.39 -10.53
C LEU A 352 -1.88 -33.58 -10.69
N GLN A 353 -1.66 -32.64 -9.77
CA GLN A 353 -0.43 -31.83 -9.74
C GLN A 353 0.69 -32.61 -9.03
N TYR A 354 1.83 -32.73 -9.71
CA TYR A 354 2.95 -33.53 -9.21
C TYR A 354 4.24 -32.70 -9.26
N GLN A 355 4.81 -32.40 -8.10
CA GLN A 355 6.02 -31.59 -8.03
C GLN A 355 7.13 -32.32 -7.25
N PHE A 356 8.31 -32.38 -7.84
CA PHE A 356 9.46 -33.00 -7.20
C PHE A 356 10.73 -32.23 -7.52
N VAL A 357 11.77 -32.51 -6.74
CA VAL A 357 13.10 -31.96 -6.98
C VAL A 357 14.12 -33.10 -6.91
N ILE A 358 15.13 -33.05 -7.79
CA ILE A 358 16.22 -34.03 -7.79
C ILE A 358 17.56 -33.30 -7.56
N PRO A 359 18.41 -33.83 -6.66
CA PRO A 359 19.68 -33.17 -6.32
C PRO A 359 20.47 -32.81 -7.59
N THR A 360 21.09 -31.65 -7.57
CA THR A 360 21.82 -31.09 -8.73
C THR A 360 22.69 -32.11 -9.44
N GLU A 361 23.49 -32.83 -8.65
CA GLU A 361 24.50 -33.77 -9.18
C GLU A 361 23.90 -34.95 -9.95
N ALA A 362 22.65 -35.28 -9.64
CA ALA A 362 21.98 -36.42 -10.27
C ALA A 362 21.34 -36.05 -11.61
N VAL A 363 22.17 -35.56 -12.52
CA VAL A 363 21.66 -35.02 -13.77
C VAL A 363 21.15 -36.10 -14.74
N ASP A 364 21.89 -37.21 -14.87
CA ASP A 364 21.43 -38.33 -15.71
C ASP A 364 20.15 -38.94 -15.17
N GLU A 365 20.09 -39.06 -13.86
CA GLU A 365 18.90 -39.55 -13.18
C GLU A 365 17.71 -38.63 -13.47
N PHE A 366 17.95 -37.31 -13.38
CA PHE A 366 16.92 -36.34 -13.68
C PHE A 366 16.40 -36.49 -15.12
N LYS A 367 17.32 -36.67 -16.06
CA LYS A 367 16.96 -36.87 -17.47
C LYS A 367 16.16 -38.15 -17.66
N LYS A 368 16.56 -39.20 -16.93
CA LYS A 368 15.82 -40.46 -16.97
C LYS A 368 14.36 -40.27 -16.53
N ILE A 369 14.13 -39.54 -15.44
CA ILE A 369 12.77 -39.32 -14.96
C ILE A 369 11.92 -38.52 -15.97
N ILE A 370 12.51 -37.52 -16.64
CA ILE A 370 11.78 -36.79 -17.67
C ILE A 370 11.39 -37.71 -18.83
N GLY A 371 12.33 -38.57 -19.25
CA GLY A 371 12.07 -39.62 -20.25
C GLY A 371 10.92 -40.55 -19.86
N VAL A 372 10.91 -40.99 -18.61
CA VAL A 372 9.85 -41.86 -18.10
C VAL A 372 8.47 -41.19 -18.23
N ILE A 373 8.37 -39.93 -17.81
CA ILE A 373 7.14 -39.15 -17.91
C ILE A 373 6.63 -39.05 -19.36
N GLN A 374 7.56 -38.77 -20.26
CA GLN A 374 7.24 -38.62 -21.67
C GLN A 374 6.75 -39.93 -22.30
N ALA A 375 7.32 -41.05 -21.87
CA ALA A 375 6.97 -42.36 -22.44
C ALA A 375 5.76 -42.99 -21.74
N SER A 376 5.23 -42.31 -20.73
CA SER A 376 4.22 -42.90 -19.84
C SER A 376 2.82 -43.00 -20.48
N GLY A 377 2.54 -42.12 -21.43
CA GLY A 377 1.19 -42.03 -22.00
C GLY A 377 0.27 -41.10 -21.21
N HIS A 378 0.84 -40.42 -20.22
CA HIS A 378 0.16 -39.35 -19.51
C HIS A 378 0.73 -38.03 -19.96
N TYR A 379 -0.15 -37.11 -20.34
CA TYR A 379 0.27 -35.89 -21.03
C TYR A 379 0.12 -34.63 -20.19
N SER A 380 1.25 -33.99 -19.90
CA SER A 380 1.22 -32.73 -19.18
C SER A 380 1.61 -31.54 -20.05
N PHE A 381 0.73 -30.55 -20.12
CA PHE A 381 0.99 -29.31 -20.87
C PHE A 381 1.60 -28.18 -20.02
N LEU A 382 1.34 -28.21 -18.71
CA LEU A 382 1.76 -27.12 -17.84
C LEU A 382 2.97 -27.56 -17.01
N ASN A 383 4.16 -27.22 -17.48
CA ASN A 383 5.39 -27.75 -16.90
C ASN A 383 6.38 -26.68 -16.40
N VAL A 384 6.60 -26.68 -15.09
CA VAL A 384 7.51 -25.74 -14.46
C VAL A 384 8.87 -26.41 -14.29
N PHE A 385 9.91 -25.66 -14.63
CA PHE A 385 11.28 -26.12 -14.48
C PHE A 385 12.03 -25.00 -13.76
N LYS A 386 12.74 -25.34 -12.69
CA LYS A 386 13.59 -24.37 -12.02
C LYS A 386 14.76 -25.07 -11.33
N LEU A 387 15.93 -24.42 -11.35
CA LEU A 387 17.07 -24.91 -10.57
C LEU A 387 17.08 -24.27 -9.17
N PHE A 388 16.79 -25.07 -8.14
CA PHE A 388 16.82 -24.60 -6.76
C PHE A 388 18.25 -24.30 -6.28
N GLY A 389 18.40 -23.35 -5.36
CA GLY A 389 19.68 -23.14 -4.69
C GLY A 389 19.79 -23.85 -3.34
N PRO A 390 20.74 -23.42 -2.47
CA PRO A 390 20.94 -23.95 -1.12
C PRO A 390 19.66 -24.12 -0.28
N ARG A 391 19.59 -25.21 0.49
CA ARG A 391 18.43 -25.51 1.34
C ARG A 391 18.53 -24.74 2.67
N ASN A 392 17.47 -24.78 3.48
CA ASN A 392 17.56 -24.19 4.81
C ASN A 392 17.57 -25.25 5.92
N GLN A 393 17.61 -24.79 7.16
CA GLN A 393 17.79 -25.74 8.26
C GLN A 393 16.47 -26.37 8.74
N ALA A 394 15.36 -26.10 8.05
CA ALA A 394 14.07 -26.69 8.46
C ALA A 394 14.01 -28.17 8.05
N PRO A 395 13.81 -29.09 9.02
CA PRO A 395 13.92 -30.51 8.66
C PRO A 395 12.90 -31.03 7.65
N LEU A 396 11.68 -30.47 7.64
CA LEU A 396 10.65 -30.83 6.66
C LEU A 396 10.55 -29.87 5.45
N SER A 397 11.45 -28.89 5.33
CA SER A 397 11.52 -28.00 4.15
C SER A 397 11.61 -28.84 2.88
N PHE A 398 10.82 -28.52 1.85
CA PHE A 398 10.87 -29.23 0.59
C PHE A 398 12.14 -28.91 -0.25
N PRO A 399 12.50 -27.62 -0.43
CA PRO A 399 13.55 -27.38 -1.41
C PRO A 399 14.93 -27.87 -0.98
N ILE A 400 15.62 -28.47 -1.93
CA ILE A 400 17.04 -28.82 -1.79
C ILE A 400 17.66 -28.38 -3.11
N PRO A 401 18.97 -28.07 -3.13
CA PRO A 401 19.56 -27.68 -4.42
C PRO A 401 19.40 -28.74 -5.52
N GLY A 402 18.90 -28.35 -6.68
CA GLY A 402 18.71 -29.31 -7.75
C GLY A 402 17.51 -29.01 -8.59
N TRP A 403 17.12 -30.00 -9.39
CA TRP A 403 16.23 -29.81 -10.52
C TRP A 403 14.81 -29.98 -10.08
N ASN A 404 14.07 -28.88 -10.02
CA ASN A 404 12.69 -28.87 -9.54
C ASN A 404 11.72 -28.83 -10.72
N ILE A 405 10.71 -29.69 -10.66
CA ILE A 405 9.78 -29.95 -11.75
C ILE A 405 8.35 -29.95 -11.22
N CYS A 406 7.44 -29.22 -11.89
CA CYS A 406 5.99 -29.39 -11.67
C CYS A 406 5.34 -29.84 -12.94
N VAL A 407 4.51 -30.88 -12.83
CA VAL A 407 3.75 -31.36 -13.96
C VAL A 407 2.28 -31.50 -13.56
N ASP A 408 1.41 -31.47 -14.56
CA ASP A 408 -0.03 -31.56 -14.36
C ASP A 408 -0.61 -32.67 -15.21
N PHE A 409 -0.97 -33.78 -14.58
CA PHE A 409 -1.50 -34.92 -15.34
C PHE A 409 -3.02 -34.96 -15.23
N PRO A 410 -3.72 -34.99 -16.38
CA PRO A 410 -5.16 -35.29 -16.42
C PRO A 410 -5.44 -36.64 -15.75
N ILE A 411 -6.47 -36.70 -14.90
CA ILE A 411 -6.82 -37.94 -14.22
C ILE A 411 -7.46 -38.90 -15.22
N LYS A 412 -6.87 -40.09 -15.35
CA LYS A 412 -7.34 -41.13 -16.24
C LYS A 412 -6.78 -42.47 -15.77
N ASP A 413 -7.26 -43.57 -16.34
CA ASP A 413 -6.84 -44.90 -15.89
C ASP A 413 -5.33 -45.07 -15.89
N GLY A 414 -4.83 -45.68 -14.82
CA GLY A 414 -3.42 -46.00 -14.73
C GLY A 414 -2.58 -44.92 -14.06
N LEU A 415 -3.14 -43.72 -13.89
CA LEU A 415 -2.36 -42.58 -13.33
C LEU A 415 -1.87 -42.82 -11.90
N GLY A 416 -2.76 -43.32 -11.04
CA GLY A 416 -2.39 -43.57 -9.63
C GLY A 416 -1.19 -44.49 -9.54
N LYS A 417 -1.22 -45.58 -10.27
CA LYS A 417 -0.13 -46.54 -10.22
C LYS A 417 1.13 -46.02 -10.91
N PHE A 418 0.97 -45.18 -11.92
CA PHE A 418 2.15 -44.56 -12.54
C PHE A 418 2.83 -43.53 -11.63
N VAL A 419 2.07 -42.68 -10.95
CA VAL A 419 2.69 -41.73 -10.03
C VAL A 419 3.33 -42.44 -8.81
N SER A 420 2.86 -43.63 -8.47
CA SER A 420 3.56 -44.43 -7.45
C SER A 420 4.92 -44.88 -7.95
N GLU A 421 5.01 -45.17 -9.25
CA GLU A 421 6.30 -45.53 -9.84
C GLU A 421 7.22 -44.33 -9.89
N LEU A 422 6.68 -43.17 -10.27
CA LEU A 422 7.44 -41.94 -10.23
C LEU A 422 8.00 -41.68 -8.83
N ASP A 423 7.16 -41.86 -7.79
CA ASP A 423 7.58 -41.69 -6.39
C ASP A 423 8.87 -42.48 -6.14
N ARG A 424 8.88 -43.73 -6.59
CA ARG A 424 9.97 -44.66 -6.35
C ARG A 424 11.24 -44.17 -7.03
N ARG A 425 11.13 -43.67 -8.26
CA ARG A 425 12.28 -43.12 -8.96
C ARG A 425 12.78 -41.83 -8.31
N VAL A 426 11.84 -40.96 -7.93
CA VAL A 426 12.17 -39.71 -7.21
C VAL A 426 12.95 -40.04 -5.92
N LEU A 427 12.43 -40.99 -5.14
CA LEU A 427 13.07 -41.41 -3.90
C LEU A 427 14.45 -42.01 -4.15
N GLU A 428 14.50 -43.01 -5.03
CA GLU A 428 15.77 -43.66 -5.38
C GLU A 428 16.83 -42.64 -5.84
N PHE A 429 16.40 -41.58 -6.52
CA PHE A 429 17.33 -40.57 -7.01
C PHE A 429 17.62 -39.43 -6.02
N GLY A 430 17.36 -39.69 -4.73
CA GLY A 430 17.62 -38.70 -3.68
C GLY A 430 16.71 -37.48 -3.59
N GLY A 431 15.61 -37.49 -4.32
CA GLY A 431 14.69 -36.34 -4.33
C GLY A 431 13.50 -36.51 -3.42
N ARG A 432 12.55 -35.56 -3.52
CA ARG A 432 11.34 -35.62 -2.69
C ARG A 432 10.16 -34.98 -3.39
N LEU A 433 8.97 -35.25 -2.86
CA LEU A 433 7.73 -34.54 -3.25
C LEU A 433 7.45 -33.41 -2.28
N TYR A 434 6.55 -32.52 -2.66
CA TYR A 434 6.19 -31.34 -1.89
C TYR A 434 4.83 -31.56 -1.23
N THR A 435 4.72 -31.33 0.08
CA THR A 435 3.42 -31.52 0.76
C THR A 435 2.28 -30.63 0.23
N ALA A 436 2.62 -29.41 -0.20
CA ALA A 436 1.65 -28.44 -0.72
C ALA A 436 0.96 -28.91 -2.00
N LYS A 437 1.58 -29.88 -2.68
CA LYS A 437 1.03 -30.45 -3.90
C LYS A 437 0.49 -31.88 -3.71
N ASP A 438 0.98 -32.59 -2.70
CA ASP A 438 0.67 -34.02 -2.55
C ASP A 438 -0.68 -34.35 -1.93
N SER A 439 -1.37 -35.33 -2.52
CA SER A 439 -2.60 -35.84 -1.92
C SER A 439 -2.60 -37.37 -1.84
N ARG A 440 -1.56 -38.02 -2.36
CA ARG A 440 -1.63 -39.48 -2.45
C ARG A 440 -0.37 -40.33 -2.24
N THR A 441 0.80 -39.73 -1.97
CA THR A 441 1.96 -40.57 -1.65
C THR A 441 1.73 -41.30 -0.30
N THR A 442 2.58 -42.28 -0.03
CA THR A 442 2.47 -43.04 1.21
C THR A 442 3.39 -42.49 2.27
N ALA A 443 3.07 -42.79 3.53
CA ALA A 443 3.92 -42.49 4.67
C ALA A 443 5.33 -43.07 4.49
N GLU A 444 5.42 -44.32 4.05
CA GLU A 444 6.72 -44.99 3.86
C GLU A 444 7.61 -44.22 2.88
N THR A 445 7.05 -43.84 1.74
CA THR A 445 7.77 -43.06 0.73
C THR A 445 8.14 -41.69 1.25
N PHE A 446 7.17 -41.00 1.86
CA PHE A 446 7.41 -39.68 2.39
C PHE A 446 8.52 -39.68 3.44
N HIS A 447 8.48 -40.65 4.36
CA HIS A 447 9.51 -40.71 5.40
C HIS A 447 10.88 -40.97 4.82
N ALA A 448 10.97 -41.79 3.78
CA ALA A 448 12.28 -42.06 3.14
C ALA A 448 12.82 -40.85 2.37
N MET A 449 11.90 -40.06 1.82
CA MET A 449 12.24 -38.84 1.09
C MET A 449 12.71 -37.71 2.02
N TYR A 450 12.31 -37.77 3.29
CA TYR A 450 12.66 -36.76 4.28
C TYR A 450 13.43 -37.43 5.45
N PRO A 451 14.77 -37.65 5.29
CA PRO A 451 15.50 -38.39 6.36
C PRO A 451 15.57 -37.68 7.72
N ARG A 452 15.21 -36.41 7.75
CA ARG A 452 15.12 -35.68 9.02
C ARG A 452 13.69 -35.72 9.61
N VAL A 453 12.84 -36.59 9.08
CA VAL A 453 11.44 -36.65 9.57
C VAL A 453 11.36 -37.07 11.05
N ASP A 454 12.17 -38.04 11.47
CA ASP A 454 12.16 -38.49 12.88
C ASP A 454 12.57 -37.36 13.82
N GLU A 455 13.61 -36.62 13.43
CA GLU A 455 14.02 -35.41 14.13
C GLU A 455 12.86 -34.39 14.26
N TRP A 456 12.14 -34.17 13.18
CA TRP A 456 10.97 -33.30 13.20
C TRP A 456 9.85 -33.84 14.07
N ILE A 457 9.55 -35.14 13.92
CA ILE A 457 8.51 -35.79 14.74
C ILE A 457 8.77 -35.64 16.25
N SER A 458 10.03 -35.79 16.68
CA SER A 458 10.38 -35.62 18.10
C SER A 458 10.10 -34.21 18.61
N VAL A 459 10.36 -33.19 17.79
CA VAL A 459 9.99 -31.82 18.16
C VAL A 459 8.48 -31.71 18.32
N ARG A 460 7.73 -32.27 17.37
CA ARG A 460 6.26 -32.21 17.38
C ARG A 460 5.64 -32.89 18.60
N ARG A 461 6.20 -34.02 19.02
CA ARG A 461 5.66 -34.75 20.17
C ARG A 461 6.02 -34.07 21.48
N LYS A 462 7.13 -33.34 21.46
CA LYS A 462 7.54 -32.52 22.59
C LYS A 462 6.62 -31.31 22.76
N VAL A 463 6.12 -30.77 21.65
CA VAL A 463 5.31 -29.55 21.70
C VAL A 463 3.81 -29.83 21.63
N ASP A 464 3.45 -31.04 21.22
CA ASP A 464 2.04 -31.44 21.16
C ASP A 464 1.87 -32.94 21.52
N PRO A 465 2.18 -33.29 22.79
CA PRO A 465 2.13 -34.70 23.22
C PRO A 465 0.76 -35.35 23.03
N LEU A 466 -0.30 -34.55 23.13
CA LEU A 466 -1.68 -35.03 23.00
C LEU A 466 -2.25 -35.01 21.58
N ARG A 467 -1.45 -34.59 20.60
CA ARG A 467 -1.96 -34.52 19.22
C ARG A 467 -3.20 -33.60 19.13
N VAL A 468 -3.10 -32.45 19.79
CA VAL A 468 -4.09 -31.39 19.67
C VAL A 468 -4.17 -30.92 18.21
N PHE A 469 -3.02 -30.90 17.53
CA PHE A 469 -3.00 -30.53 16.12
C PHE A 469 -2.84 -31.75 15.22
N ALA A 470 -3.78 -31.87 14.30
CA ALA A 470 -3.90 -33.05 13.47
C ALA A 470 -4.62 -32.69 12.21
N SER A 471 -4.31 -33.41 11.13
CA SER A 471 -4.94 -33.18 9.85
C SER A 471 -5.04 -34.49 9.08
N ASP A 472 -5.77 -34.50 7.97
CA ASP A 472 -5.80 -35.66 7.10
C ASP A 472 -4.40 -36.04 6.59
N MET A 473 -3.59 -35.04 6.24
CA MET A 473 -2.22 -35.32 5.82
C MET A 473 -1.40 -35.95 6.94
N ALA A 474 -1.49 -35.39 8.14
CA ALA A 474 -0.79 -35.94 9.30
C ALA A 474 -1.07 -37.43 9.48
N ARG A 475 -2.33 -37.82 9.33
CA ARG A 475 -2.74 -39.23 9.47
C ARG A 475 -2.26 -40.11 8.32
N ARG A 476 -2.39 -39.63 7.08
CA ARG A 476 -1.94 -40.36 5.89
C ARG A 476 -0.40 -40.56 5.84
N LEU A 477 0.34 -39.52 6.18
CA LEU A 477 1.83 -39.54 6.12
C LEU A 477 2.49 -39.92 7.47
N GLU A 478 1.65 -40.32 8.42
CA GLU A 478 2.07 -40.71 9.77
C GLU A 478 3.04 -39.70 10.37
N LEU A 479 2.60 -38.45 10.36
CA LEU A 479 3.29 -37.35 11.00
C LEU A 479 2.61 -37.02 12.32
N LEU A 480 1.42 -37.60 12.51
CA LEU A 480 0.59 -37.34 13.68
C LEU A 480 1.32 -37.67 14.98
N THR B 26 25.53 23.28 -7.41
CA THR B 26 24.49 22.50 -6.69
C THR B 26 23.06 23.08 -6.83
N THR B 27 22.96 24.41 -6.90
CA THR B 27 21.66 25.08 -7.02
C THR B 27 21.37 25.60 -8.43
N THR B 28 20.10 25.78 -8.74
CA THR B 28 19.66 26.30 -10.04
C THR B 28 18.89 27.61 -9.84
N ALA B 29 19.32 28.67 -10.53
CA ALA B 29 18.58 29.93 -10.54
C ALA B 29 17.27 29.73 -11.28
N THR B 30 16.15 29.92 -10.58
CA THR B 30 14.83 29.64 -11.16
C THR B 30 13.82 30.76 -10.91
N ARG B 31 13.02 31.03 -11.94
CA ARG B 31 11.89 31.96 -11.88
C ARG B 31 10.69 31.26 -11.24
N LEU B 32 10.31 31.71 -10.05
CA LEU B 32 9.25 31.05 -9.29
C LEU B 32 8.02 31.94 -9.11
N THR B 33 6.86 31.32 -9.13
CA THR B 33 5.61 31.98 -8.71
C THR B 33 4.80 31.06 -7.79
N GLY B 34 3.75 31.60 -7.17
CA GLY B 34 2.75 30.78 -6.50
C GLY B 34 1.84 30.13 -7.54
N TRP B 35 0.83 29.40 -7.07
CA TRP B 35 -0.15 28.76 -7.95
C TRP B 35 -0.93 29.78 -8.73
N GLY B 36 -1.10 30.96 -8.14
CA GLY B 36 -1.79 32.08 -8.80
C GLY B 36 -1.09 32.61 -10.04
N ARG B 37 0.16 32.17 -10.26
CA ARG B 37 0.94 32.57 -11.43
C ARG B 37 1.06 34.11 -11.46
N THR B 38 1.55 34.66 -10.35
CA THR B 38 1.69 36.10 -10.17
C THR B 38 2.95 36.41 -9.37
N ALA B 39 3.40 37.66 -9.44
CA ALA B 39 4.59 38.16 -8.74
C ALA B 39 5.84 37.26 -8.86
N PRO B 40 6.38 37.10 -10.08
CA PRO B 40 7.55 36.23 -10.29
C PRO B 40 8.76 36.66 -9.48
N SER B 41 9.63 35.70 -9.15
CA SER B 41 10.80 35.95 -8.31
C SER B 41 11.91 34.92 -8.57
N VAL B 42 13.10 35.41 -8.91
CA VAL B 42 14.24 34.56 -9.26
C VAL B 42 15.01 34.12 -8.01
N ALA B 43 15.09 32.81 -7.80
CA ALA B 43 15.75 32.26 -6.63
C ALA B 43 16.70 31.12 -6.97
N ASN B 44 17.68 30.91 -6.11
CA ASN B 44 18.50 29.72 -6.18
C ASN B 44 17.72 28.54 -5.59
N VAL B 45 17.51 27.53 -6.42
CA VAL B 45 16.73 26.35 -6.04
C VAL B 45 17.63 25.12 -5.81
N LEU B 46 17.63 24.64 -4.57
CA LEU B 46 18.29 23.38 -4.23
C LEU B 46 17.28 22.25 -4.32
N ARG B 47 17.63 21.18 -5.02
CA ARG B 47 16.72 20.05 -5.21
C ARG B 47 17.44 18.71 -5.03
N THR B 48 17.45 18.23 -3.80
CA THR B 48 18.21 17.02 -3.46
C THR B 48 17.42 16.07 -2.55
N PRO B 49 17.53 14.75 -2.79
CA PRO B 49 16.99 13.80 -1.81
C PRO B 49 17.94 13.61 -0.62
N ASP B 50 19.05 14.33 -0.64
CA ASP B 50 20.09 14.21 0.37
C ASP B 50 19.85 15.20 1.51
N ALA B 51 19.39 14.68 2.65
CA ALA B 51 19.09 15.51 3.82
C ALA B 51 20.33 16.19 4.38
N GLU B 52 21.47 15.53 4.20
CA GLU B 52 22.78 16.05 4.60
C GLU B 52 23.10 17.34 3.84
N MET B 53 22.75 17.37 2.56
CA MET B 53 22.93 18.53 1.70
C MET B 53 22.09 19.72 2.19
N ILE B 54 20.85 19.44 2.56
CA ILE B 54 19.93 20.48 3.04
C ILE B 54 20.48 21.15 4.31
N VAL B 55 21.08 20.35 5.18
CA VAL B 55 21.74 20.87 6.39
C VAL B 55 22.91 21.80 6.04
N LYS B 56 23.69 21.43 5.02
CA LYS B 56 24.85 22.24 4.60
C LYS B 56 24.45 23.56 3.96
N ALA B 57 23.39 23.52 3.14
CA ALA B 57 22.91 24.73 2.46
C ALA B 57 22.42 25.78 3.44
N VAL B 58 21.78 25.36 4.53
CA VAL B 58 21.36 26.26 5.60
C VAL B 58 22.59 26.90 6.28
N ALA B 59 23.56 26.07 6.65
CA ALA B 59 24.81 26.56 7.25
C ALA B 59 25.53 27.54 6.31
N ARG B 60 25.49 27.23 5.01
CA ARG B 60 26.03 28.11 3.96
C ARG B 60 25.35 29.49 3.96
N VAL B 61 24.03 29.49 4.12
CA VAL B 61 23.25 30.72 4.23
C VAL B 61 23.52 31.41 5.58
N ALA B 62 23.74 30.61 6.62
CA ALA B 62 24.09 31.12 7.95
C ALA B 62 25.53 31.65 8.06
N GLU B 63 26.35 31.33 7.06
CA GLU B 63 27.69 31.91 6.93
C GLU B 63 27.66 33.09 5.94
N SER B 64 26.75 33.03 4.98
CA SER B 64 26.49 34.13 4.04
C SER B 64 26.20 35.44 4.78
N GLY B 65 25.66 35.33 5.99
CA GLY B 65 25.40 36.49 6.85
C GLY B 65 23.92 36.78 7.07
N GLY B 66 23.07 35.83 6.70
CA GLY B 66 21.62 35.99 6.83
C GLY B 66 20.96 36.23 5.49
N GLY B 67 20.64 37.48 5.19
CA GLY B 67 20.05 37.88 3.92
C GLY B 67 20.91 37.40 2.77
N ARG B 68 20.32 36.86 1.71
CA ARG B 68 18.88 36.92 1.46
C ARG B 68 18.09 35.68 1.92
N GLY B 69 18.61 34.99 2.94
CA GLY B 69 17.91 33.88 3.58
C GLY B 69 17.55 32.67 2.74
N ALA B 70 16.80 31.75 3.34
CA ALA B 70 16.32 30.55 2.65
C ALA B 70 14.86 30.30 2.99
N ILE B 71 14.14 29.65 2.07
CA ILE B 71 12.78 29.18 2.37
C ILE B 71 12.53 27.80 1.76
N ALA B 72 11.83 26.93 2.48
CA ALA B 72 11.42 25.65 1.92
C ALA B 72 10.29 25.84 0.92
N ARG B 73 10.23 24.96 -0.08
CA ARG B 73 9.12 24.91 -1.02
C ARG B 73 8.59 23.47 -1.12
N GLY B 74 7.27 23.33 -1.19
CA GLY B 74 6.65 22.02 -1.35
C GLY B 74 6.25 21.83 -2.79
N LEU B 75 4.96 21.58 -3.04
CA LEU B 75 4.48 21.37 -4.41
C LEU B 75 3.97 22.66 -5.06
N GLY B 76 4.19 23.80 -4.40
CA GLY B 76 3.85 25.11 -4.95
C GLY B 76 2.37 25.38 -5.16
N ARG B 77 1.53 24.81 -4.29
CA ARG B 77 0.07 25.00 -4.40
C ARG B 77 -0.49 26.24 -3.71
N SER B 78 0.27 26.88 -2.83
CA SER B 78 -0.13 28.19 -2.32
C SER B 78 -0.14 29.17 -3.48
N TYR B 79 -1.16 30.03 -3.52
CA TYR B 79 -1.38 30.97 -4.63
C TYR B 79 -0.43 32.17 -4.61
N GLY B 80 0.03 32.55 -3.42
CA GLY B 80 0.85 33.74 -3.25
C GLY B 80 2.34 33.49 -3.22
N ASP B 81 3.04 34.25 -2.40
CA ASP B 81 4.50 34.35 -2.44
C ASP B 81 5.22 33.81 -1.19
N ASN B 82 4.61 32.85 -0.50
CA ASN B 82 5.23 32.30 0.71
C ASN B 82 6.29 31.24 0.45
N ALA B 83 6.22 30.61 -0.73
CA ALA B 83 7.15 29.54 -1.10
C ALA B 83 8.19 29.98 -2.14
N GLN B 84 8.52 31.28 -2.12
CA GLN B 84 9.58 31.82 -2.98
C GLN B 84 10.42 32.88 -2.26
N ASN B 85 11.66 33.06 -2.70
CA ASN B 85 12.61 33.94 -2.03
C ASN B 85 13.56 34.58 -3.05
N GLY B 86 13.10 35.65 -3.69
CA GLY B 86 13.88 36.37 -4.72
C GLY B 86 15.28 36.73 -4.30
N GLY B 87 16.26 36.36 -5.12
CA GLY B 87 17.67 36.62 -4.83
C GLY B 87 18.20 35.81 -3.66
N GLY B 88 17.44 34.80 -3.25
CA GLY B 88 17.83 33.97 -2.12
C GLY B 88 17.71 32.48 -2.42
N LEU B 89 17.83 31.68 -1.37
CA LEU B 89 17.71 30.23 -1.49
C LEU B 89 16.29 29.73 -1.27
N VAL B 90 15.87 28.82 -2.16
CA VAL B 90 14.62 28.08 -2.06
C VAL B 90 14.95 26.58 -2.12
N ILE B 91 14.68 25.87 -1.03
CA ILE B 91 14.96 24.44 -0.97
C ILE B 91 13.68 23.64 -1.28
N ASP B 92 13.62 23.08 -2.49
CA ASP B 92 12.54 22.19 -2.92
C ASP B 92 12.61 20.88 -2.13
N MET B 93 11.57 20.62 -1.34
CA MET B 93 11.55 19.49 -0.42
C MET B 93 10.92 18.22 -0.99
N THR B 94 10.42 18.30 -2.22
CA THR B 94 9.70 17.16 -2.83
C THR B 94 10.54 15.88 -3.03
N PRO B 95 11.87 16.00 -3.25
CA PRO B 95 12.68 14.77 -3.32
C PRO B 95 12.77 14.02 -2.00
N LEU B 96 12.52 14.72 -0.89
CA LEU B 96 12.58 14.09 0.43
C LEU B 96 11.19 13.52 0.73
N ASN B 97 10.88 12.38 0.11
CA ASN B 97 9.52 11.84 0.12
C ASN B 97 9.43 10.40 0.64
N THR B 98 10.28 10.05 1.61
CA THR B 98 10.26 8.71 2.17
C THR B 98 9.16 8.55 3.22
N ILE B 99 8.35 7.51 3.05
CA ILE B 99 7.45 7.05 4.10
C ILE B 99 8.20 6.04 4.98
N HIS B 100 8.57 6.46 6.18
CA HIS B 100 9.36 5.62 7.07
C HIS B 100 8.59 4.47 7.67
N SER B 101 7.41 4.78 8.21
CA SER B 101 6.60 3.75 8.86
C SER B 101 5.16 4.19 8.96
N ILE B 102 4.28 3.19 8.96
CA ILE B 102 2.86 3.37 9.22
C ILE B 102 2.45 2.25 10.16
N ASP B 103 1.66 2.57 11.18
CA ASP B 103 1.26 1.59 12.19
C ASP B 103 -0.25 1.65 12.48
N ALA B 104 -0.96 0.58 12.14
CA ALA B 104 -2.41 0.51 12.34
C ALA B 104 -2.83 0.52 13.81
N ASP B 105 -1.93 0.10 14.71
CA ASP B 105 -2.25 0.04 16.12
C ASP B 105 -2.06 1.37 16.82
N THR B 106 -0.96 2.07 16.55
CA THR B 106 -0.75 3.39 17.12
C THR B 106 -1.46 4.46 16.27
N LYS B 107 -1.84 4.09 15.05
CA LYS B 107 -2.46 5.02 14.08
C LYS B 107 -1.47 6.11 13.63
N LEU B 108 -0.18 5.87 13.86
CA LEU B 108 0.86 6.85 13.56
C LEU B 108 1.58 6.60 12.22
N VAL B 109 1.80 7.68 11.48
CA VAL B 109 2.66 7.66 10.30
C VAL B 109 3.90 8.54 10.56
N ASP B 110 5.05 8.04 10.12
CA ASP B 110 6.32 8.76 10.26
C ASP B 110 6.77 8.94 8.82
N ILE B 111 6.77 10.19 8.36
CA ILE B 111 7.10 10.50 6.96
C ILE B 111 7.94 11.75 6.84
N ASP B 112 8.75 11.83 5.77
CA ASP B 112 9.49 13.04 5.43
C ASP B 112 8.53 14.15 4.97
N ALA B 113 8.91 15.40 5.24
CA ALA B 113 8.07 16.55 4.95
C ALA B 113 7.70 16.67 3.48
N GLY B 114 8.49 16.03 2.61
CA GLY B 114 8.26 16.10 1.18
C GLY B 114 7.21 15.13 0.68
N VAL B 115 6.79 14.19 1.52
CA VAL B 115 5.72 13.27 1.14
C VAL B 115 4.47 14.10 0.86
N ASN B 116 3.72 13.74 -0.18
CA ASN B 116 2.48 14.44 -0.47
C ASN B 116 1.25 13.67 0.03
N LEU B 117 0.12 14.37 0.12
CA LEU B 117 -1.08 13.83 0.76
C LEU B 117 -1.75 12.73 -0.05
N ASP B 118 -1.65 12.81 -1.38
CA ASP B 118 -2.12 11.73 -2.24
C ASP B 118 -1.31 10.45 -2.02
N GLN B 119 0.02 10.58 -2.06
CA GLN B 119 0.95 9.48 -1.76
C GLN B 119 0.66 8.89 -0.38
N LEU B 120 0.44 9.76 0.61
CA LEU B 120 0.17 9.31 1.97
C LEU B 120 -1.17 8.57 2.09
N MET B 121 -2.23 9.17 1.53
CA MET B 121 -3.56 8.53 1.51
C MET B 121 -3.51 7.10 0.95
N LYS B 122 -2.94 6.94 -0.23
CA LYS B 122 -2.82 5.63 -0.87
C LYS B 122 -2.01 4.64 -0.03
N ALA B 123 -0.92 5.10 0.58
CA ALA B 123 -0.10 4.22 1.39
C ALA B 123 -0.77 3.80 2.70
N ALA B 124 -1.58 4.71 3.26
CA ALA B 124 -2.17 4.51 4.58
C ALA B 124 -3.48 3.70 4.56
N LEU B 125 -4.21 3.75 3.46
CA LEU B 125 -5.48 3.04 3.32
C LEU B 125 -5.47 1.53 3.70
N PRO B 126 -4.48 0.76 3.23
CA PRO B 126 -4.44 -0.67 3.58
C PRO B 126 -4.23 -0.97 5.07
N PHE B 127 -3.97 0.08 5.86
CA PHE B 127 -3.86 -0.03 7.32
C PHE B 127 -5.16 0.37 8.02
N GLY B 128 -6.18 0.70 7.25
CA GLY B 128 -7.44 1.19 7.85
C GLY B 128 -7.28 2.59 8.44
N LEU B 129 -6.45 3.40 7.79
CA LEU B 129 -6.15 4.76 8.24
C LEU B 129 -6.47 5.81 7.18
N TRP B 130 -6.84 7.01 7.63
CA TRP B 130 -7.34 8.09 6.78
C TRP B 130 -6.63 9.37 7.14
N VAL B 131 -6.13 10.10 6.12
CA VAL B 131 -5.52 11.41 6.32
C VAL B 131 -6.54 12.32 7.01
N PRO B 132 -6.24 12.78 8.25
CA PRO B 132 -7.25 13.43 9.09
C PRO B 132 -7.75 14.78 8.60
N VAL B 133 -6.94 15.48 7.79
CA VAL B 133 -7.37 16.72 7.17
C VAL B 133 -6.92 16.72 5.71
N LEU B 134 -7.88 16.74 4.81
CA LEU B 134 -7.59 16.82 3.38
C LEU B 134 -8.13 18.12 2.78
N PRO B 135 -7.29 18.87 2.04
CA PRO B 135 -7.75 20.10 1.41
C PRO B 135 -8.44 19.78 0.06
N GLY B 136 -8.86 20.80 -0.67
CA GLY B 136 -9.54 20.59 -1.97
C GLY B 136 -8.69 20.01 -3.10
N THR B 137 -7.40 19.76 -2.81
CA THR B 137 -6.49 19.11 -3.75
C THR B 137 -5.53 18.24 -2.93
N ARG B 138 -5.15 17.08 -3.45
CA ARG B 138 -4.26 16.19 -2.72
C ARG B 138 -2.79 16.40 -3.08
N GLN B 139 -2.54 17.24 -4.07
CA GLN B 139 -1.16 17.56 -4.45
C GLN B 139 -0.56 18.65 -3.54
N VAL B 140 -0.38 18.28 -2.27
CA VAL B 140 0.15 19.15 -1.22
C VAL B 140 1.13 18.32 -0.38
N THR B 141 2.28 18.89 -0.02
CA THR B 141 3.26 18.18 0.81
C THR B 141 2.85 18.26 2.28
N VAL B 142 3.35 17.33 3.09
CA VAL B 142 3.15 17.35 4.54
C VAL B 142 3.75 18.65 5.12
N GLY B 143 4.91 19.04 4.61
CA GLY B 143 5.55 20.31 4.96
C GLY B 143 4.68 21.54 4.70
N GLY B 144 4.11 21.61 3.51
CA GLY B 144 3.14 22.67 3.17
C GLY B 144 1.85 22.62 3.96
N ALA B 145 1.37 21.40 4.23
CA ALA B 145 0.19 21.16 5.04
C ALA B 145 0.35 21.72 6.46
N ILE B 146 1.53 21.50 7.04
CA ILE B 146 1.84 21.99 8.39
C ILE B 146 2.09 23.50 8.40
N ALA B 147 2.93 23.97 7.47
CA ALA B 147 3.31 25.38 7.41
C ALA B 147 2.16 26.34 7.11
N CYS B 148 1.12 25.85 6.45
CA CYS B 148 -0.08 26.64 6.21
C CYS B 148 -1.22 26.22 7.12
N ASP B 149 -0.94 25.24 7.99
CA ASP B 149 -1.95 24.68 8.91
C ASP B 149 -3.26 24.52 8.14
N ILE B 150 -3.24 23.68 7.11
CA ILE B 150 -4.34 23.63 6.14
C ILE B 150 -5.62 23.08 6.78
N HIS B 151 -6.76 23.47 6.22
CA HIS B 151 -8.06 23.05 6.69
C HIS B 151 -8.77 22.34 5.58
N GLY B 152 -9.90 21.73 5.91
CA GLY B 152 -10.65 21.00 4.91
C GLY B 152 -12.12 20.96 5.24
N LYS B 153 -12.83 20.14 4.51
CA LYS B 153 -14.28 20.00 4.57
C LYS B 153 -14.73 19.50 5.96
N ASN B 154 -13.80 18.89 6.69
CA ASN B 154 -14.08 18.39 8.03
C ASN B 154 -13.57 19.27 9.18
N HIS B 155 -13.24 20.53 8.89
CA HIS B 155 -12.68 21.40 9.93
C HIS B 155 -13.52 21.50 11.20
N HIS B 156 -14.84 21.58 11.03
CA HIS B 156 -15.73 21.76 12.18
C HIS B 156 -15.75 20.58 13.12
N SER B 157 -15.36 19.40 12.62
CA SER B 157 -15.28 18.22 13.47
C SER B 157 -13.84 17.78 13.76
N ALA B 158 -12.88 18.22 12.96
CA ALA B 158 -11.52 17.68 13.09
C ALA B 158 -10.41 18.73 13.32
N GLY B 159 -10.76 20.02 13.23
CA GLY B 159 -9.77 21.10 13.29
C GLY B 159 -8.91 21.11 12.03
N SER B 160 -7.76 21.77 12.11
CA SER B 160 -6.87 21.85 10.95
C SER B 160 -5.73 20.84 11.05
N PHE B 161 -4.84 20.84 10.05
CA PHE B 161 -3.80 19.84 9.95
C PHE B 161 -2.89 19.81 11.18
N GLY B 162 -2.56 20.99 11.71
CA GLY B 162 -1.72 21.14 12.89
C GLY B 162 -2.19 20.35 14.10
N ASN B 163 -3.52 20.21 14.26
CA ASN B 163 -4.13 19.46 15.37
C ASN B 163 -3.73 17.98 15.45
N HIS B 164 -3.20 17.44 14.35
CA HIS B 164 -2.98 16.00 14.21
C HIS B 164 -1.51 15.64 14.19
N VAL B 165 -0.67 16.66 14.24
CA VAL B 165 0.78 16.44 14.19
C VAL B 165 1.24 16.10 15.59
N ARG B 166 1.92 14.96 15.74
CA ARG B 166 2.33 14.49 17.06
C ARG B 166 3.80 14.83 17.34
N SER B 167 4.57 14.98 16.28
CA SER B 167 5.93 15.49 16.40
C SER B 167 6.38 15.97 15.03
N MET B 168 7.35 16.87 15.03
CA MET B 168 8.08 17.18 13.82
C MET B 168 9.53 17.52 14.12
N ASP B 169 10.40 17.20 13.17
CA ASP B 169 11.81 17.54 13.28
C ASP B 169 12.04 18.78 12.44
N LEU B 170 12.52 19.83 13.09
CA LEU B 170 12.71 21.13 12.43
C LEU B 170 14.18 21.51 12.35
N LEU B 171 14.67 21.67 11.13
CA LEU B 171 16.05 22.14 10.90
C LEU B 171 16.17 23.63 11.23
N THR B 172 16.69 23.90 12.42
CA THR B 172 16.82 25.25 12.95
C THR B 172 17.99 26.05 12.31
N ALA B 173 17.96 27.37 12.47
CA ALA B 173 18.91 28.29 11.85
C ALA B 173 20.38 28.03 12.17
N ASP B 174 20.66 27.55 13.37
CA ASP B 174 22.03 27.22 13.79
C ASP B 174 22.43 25.79 13.42
N GLY B 175 21.63 25.14 12.58
CA GLY B 175 21.94 23.81 12.05
C GLY B 175 21.47 22.62 12.88
N GLU B 176 20.93 22.87 14.07
CA GLU B 176 20.45 21.77 14.90
C GLU B 176 18.99 21.39 14.59
N ILE B 177 18.65 20.13 14.86
CA ILE B 177 17.31 19.61 14.62
C ILE B 177 16.54 19.56 15.94
N ARG B 178 15.56 20.44 16.08
CA ARG B 178 14.72 20.44 17.26
C ARG B 178 13.61 19.41 17.06
N HIS B 179 13.39 18.56 18.05
CA HIS B 179 12.28 17.64 18.03
C HIS B 179 11.14 18.31 18.70
N LEU B 180 10.17 18.75 17.89
CA LEU B 180 9.03 19.51 18.40
C LEU B 180 7.82 18.61 18.62
N THR B 181 7.18 18.76 19.78
CA THR B 181 5.93 18.10 20.09
C THR B 181 4.97 19.18 20.59
N PRO B 182 3.64 18.99 20.37
CA PRO B 182 2.62 19.96 20.74
C PRO B 182 2.56 20.31 22.22
N THR B 183 2.81 19.35 23.11
CA THR B 183 2.66 19.57 24.56
C THR B 183 3.96 19.44 25.35
N GLY B 184 5.08 19.23 24.66
CA GLY B 184 6.36 19.05 25.33
C GLY B 184 7.02 20.36 25.71
N GLU B 185 8.33 20.31 25.97
CA GLU B 185 9.10 21.48 26.38
C GLU B 185 9.23 22.51 25.24
N ASP B 186 9.20 22.01 24.00
CA ASP B 186 9.26 22.87 22.83
C ASP B 186 7.88 23.17 22.23
N ALA B 187 6.85 23.13 23.06
CA ALA B 187 5.46 23.41 22.67
C ALA B 187 5.30 24.73 21.93
N GLU B 188 5.97 25.77 22.41
CA GLU B 188 5.89 27.12 21.86
C GLU B 188 6.47 27.21 20.44
N LEU B 189 7.64 26.59 20.21
CA LEU B 189 8.19 26.55 18.87
C LEU B 189 7.36 25.65 17.92
N PHE B 190 6.81 24.56 18.45
CA PHE B 190 5.92 23.69 17.70
C PHE B 190 4.76 24.51 17.12
N TRP B 191 4.06 25.21 17.99
CA TRP B 191 2.88 25.98 17.60
C TRP B 191 3.14 27.23 16.79
N ALA B 192 4.40 27.67 16.75
CA ALA B 192 4.79 28.77 15.84
C ALA B 192 5.13 28.23 14.45
N THR B 193 5.52 26.97 14.41
CA THR B 193 5.86 26.31 13.15
C THR B 193 4.57 25.93 12.39
N VAL B 194 3.55 25.51 13.14
CA VAL B 194 2.20 25.29 12.60
C VAL B 194 1.69 26.63 12.07
N GLY B 195 1.36 26.69 10.79
CA GLY B 195 0.91 27.93 10.16
C GLY B 195 1.99 28.99 10.06
N GLY B 196 3.23 28.63 10.41
CA GLY B 196 4.35 29.56 10.38
C GLY B 196 4.98 29.87 9.03
N ASN B 197 4.40 29.32 7.96
CA ASN B 197 4.84 29.60 6.58
C ASN B 197 6.33 29.37 6.28
N GLY B 198 6.93 28.37 6.93
CA GLY B 198 8.33 28.00 6.71
C GLY B 198 9.37 28.91 7.36
N LEU B 199 8.93 29.81 8.23
CA LEU B 199 9.78 30.89 8.72
C LEU B 199 10.40 30.61 10.07
N THR B 200 10.22 29.40 10.58
CA THR B 200 10.92 28.97 11.79
C THR B 200 12.02 28.00 11.43
N GLY B 201 12.10 27.64 10.15
CA GLY B 201 13.06 26.66 9.67
C GLY B 201 12.45 25.65 8.70
N ILE B 202 13.17 24.57 8.45
CA ILE B 202 12.75 23.52 7.53
C ILE B 202 12.27 22.28 8.29
N ILE B 203 10.98 21.97 8.14
CA ILE B 203 10.41 20.73 8.69
C ILE B 203 10.99 19.61 7.84
N MET B 204 11.66 18.66 8.49
CA MET B 204 12.35 17.60 7.76
C MET B 204 11.49 16.35 7.73
N ARG B 205 10.71 16.15 8.77
CA ARG B 205 10.06 14.89 9.01
C ARG B 205 8.99 15.14 10.08
N ALA B 206 7.94 14.31 10.05
CA ALA B 206 6.83 14.47 10.98
C ALA B 206 6.18 13.13 11.32
N THR B 207 5.51 13.08 12.47
CA THR B 207 4.61 11.98 12.77
C THR B 207 3.22 12.54 12.91
N ILE B 208 2.28 11.95 12.16
CA ILE B 208 0.89 12.38 12.12
C ILE B 208 0.01 11.28 12.70
N GLU B 209 -0.92 11.65 13.56
CA GLU B 209 -1.91 10.70 14.00
C GLU B 209 -3.07 10.70 12.98
N MET B 210 -3.30 9.52 12.40
CA MET B 210 -4.31 9.31 11.37
C MET B 210 -5.67 9.03 11.97
N THR B 211 -6.70 9.17 11.16
CA THR B 211 -8.07 8.83 11.58
C THR B 211 -8.37 7.39 11.15
N PRO B 212 -8.81 6.54 12.10
CA PRO B 212 -9.19 5.16 11.76
C PRO B 212 -10.40 5.11 10.82
N THR B 213 -10.38 4.19 9.87
CA THR B 213 -11.49 4.00 8.96
C THR B 213 -11.51 2.55 8.49
N SER B 214 -12.71 2.05 8.21
CA SER B 214 -12.86 0.72 7.66
C SER B 214 -13.20 0.76 6.15
N THR B 215 -13.31 1.96 5.58
CA THR B 215 -13.49 2.10 4.13
C THR B 215 -12.88 3.36 3.55
N ALA B 216 -12.73 3.36 2.23
CA ALA B 216 -12.30 4.55 1.48
C ALA B 216 -13.52 5.29 0.90
N TYR B 217 -14.69 5.09 1.49
CA TYR B 217 -15.90 5.68 0.93
C TYR B 217 -16.60 6.58 1.92
N PHE B 218 -17.44 7.46 1.37
CA PHE B 218 -18.32 8.34 2.14
C PHE B 218 -19.78 7.99 1.92
N ILE B 219 -20.60 8.24 2.95
CA ILE B 219 -22.05 8.30 2.83
C ILE B 219 -22.39 9.78 2.79
N ALA B 220 -23.03 10.23 1.71
CA ALA B 220 -23.30 11.65 1.47
C ALA B 220 -24.77 12.03 1.42
N ASP B 221 -25.08 13.16 2.05
CA ASP B 221 -26.36 13.85 1.89
C ASP B 221 -26.12 15.18 1.19
N GLY B 222 -27.00 15.53 0.27
CA GLY B 222 -26.90 16.79 -0.46
C GLY B 222 -28.12 17.66 -0.28
N ASP B 223 -27.91 18.97 -0.17
CA ASP B 223 -29.03 19.90 -0.03
C ASP B 223 -28.83 21.15 -0.88
N VAL B 224 -29.94 21.81 -1.18
CA VAL B 224 -29.91 23.10 -1.84
C VAL B 224 -30.77 24.12 -1.11
N THR B 225 -30.38 25.39 -1.23
CA THR B 225 -31.12 26.49 -0.62
C THR B 225 -31.41 27.53 -1.72
N ALA B 226 -32.36 28.42 -1.46
CA ALA B 226 -32.76 29.42 -2.46
C ALA B 226 -32.21 30.82 -2.18
N SER B 227 -31.66 31.03 -0.98
CA SER B 227 -31.19 32.34 -0.56
C SER B 227 -29.99 32.25 0.40
N LEU B 228 -29.30 33.38 0.58
CA LEU B 228 -28.24 33.49 1.59
C LEU B 228 -28.72 33.17 2.99
N ASP B 229 -29.88 33.73 3.37
CA ASP B 229 -30.49 33.51 4.68
C ASP B 229 -30.73 32.05 4.98
N GLU B 230 -31.13 31.32 3.94
CA GLU B 230 -31.45 29.91 4.05
C GLU B 230 -30.17 29.07 4.22
N THR B 231 -29.13 29.43 3.46
CA THR B 231 -27.81 28.82 3.60
C THR B 231 -27.27 28.99 5.04
N ILE B 232 -27.37 30.20 5.58
CA ILE B 232 -27.00 30.47 6.98
C ILE B 232 -27.88 29.69 7.97
N ALA B 233 -29.18 29.66 7.73
CA ALA B 233 -30.10 28.90 8.60
C ALA B 233 -29.73 27.42 8.66
N LEU B 234 -29.38 26.84 7.51
CA LEU B 234 -29.07 25.42 7.41
C LEU B 234 -27.79 25.09 8.20
N HIS B 235 -26.84 26.01 8.20
CA HIS B 235 -25.59 25.83 8.94
C HIS B 235 -25.75 26.18 10.39
N SER B 236 -26.92 26.67 10.76
CA SER B 236 -27.17 27.12 12.14
C SER B 236 -28.22 26.30 12.89
N ASP B 237 -28.81 25.30 12.25
CA ASP B 237 -29.87 24.53 12.89
C ASP B 237 -29.38 23.32 13.68
N GLY B 238 -28.06 23.19 13.81
CA GLY B 238 -27.45 22.08 14.53
C GLY B 238 -27.23 20.84 13.68
N SER B 239 -27.57 20.91 12.40
CA SER B 239 -27.38 19.76 11.52
C SER B 239 -25.90 19.49 11.20
N GLU B 240 -25.06 20.51 11.39
CA GLU B 240 -23.61 20.36 11.16
C GLU B 240 -22.99 19.31 12.08
N ALA B 241 -23.55 19.14 13.28
CA ALA B 241 -23.08 18.16 14.27
C ALA B 241 -23.32 16.71 13.83
N ARG B 242 -24.16 16.52 12.81
CA ARG B 242 -24.47 15.18 12.33
C ARG B 242 -23.53 14.72 11.24
N TYR B 243 -22.62 15.59 10.83
CA TYR B 243 -21.70 15.33 9.74
C TYR B 243 -20.27 15.71 10.12
N THR B 244 -19.35 14.78 9.93
CA THR B 244 -17.94 15.10 10.08
C THR B 244 -17.42 15.97 8.91
N TYR B 245 -18.02 15.83 7.73
CA TYR B 245 -17.63 16.61 6.55
C TYR B 245 -18.77 17.47 6.02
N SER B 246 -18.49 18.74 5.75
CA SER B 246 -19.49 19.68 5.20
C SER B 246 -18.87 20.84 4.43
N SER B 247 -19.38 21.08 3.22
CA SER B 247 -19.04 22.28 2.45
C SER B 247 -20.12 22.57 1.41
N ALA B 248 -20.10 23.77 0.87
CA ALA B 248 -21.13 24.24 -0.06
C ALA B 248 -20.56 25.05 -1.20
N TRP B 249 -21.23 24.99 -2.36
CA TRP B 249 -21.02 25.99 -3.39
C TRP B 249 -22.09 27.02 -3.17
N PHE B 250 -21.78 28.29 -3.45
CA PHE B 250 -22.78 29.33 -3.34
C PHE B 250 -22.80 30.25 -4.56
N ASP B 251 -23.93 30.92 -4.73
CA ASP B 251 -24.16 31.84 -5.82
C ASP B 251 -23.75 33.24 -5.38
N ALA B 252 -22.70 33.77 -6.01
CA ALA B 252 -22.18 35.12 -5.75
C ALA B 252 -22.52 36.11 -6.87
N ILE B 253 -23.37 35.70 -7.81
CA ILE B 253 -23.64 36.50 -9.01
C ILE B 253 -25.07 37.05 -9.05
N SER B 254 -26.04 36.18 -8.76
CA SER B 254 -27.44 36.58 -8.80
C SER B 254 -27.72 37.68 -7.80
N ALA B 255 -28.70 38.52 -8.12
CA ALA B 255 -29.15 39.56 -7.21
C ALA B 255 -29.94 38.91 -6.07
N PRO B 256 -29.93 39.53 -4.88
CA PRO B 256 -30.80 39.08 -3.78
C PRO B 256 -32.27 39.12 -4.20
N PRO B 257 -33.11 38.19 -3.67
CA PRO B 257 -32.81 37.18 -2.65
C PRO B 257 -32.09 35.90 -3.13
N LYS B 258 -31.76 35.79 -4.42
CA LYS B 258 -31.10 34.58 -4.93
C LYS B 258 -29.63 34.47 -4.51
N LEU B 259 -28.94 35.61 -4.46
CA LEU B 259 -27.57 35.68 -3.95
C LEU B 259 -27.40 34.82 -2.69
N GLY B 260 -26.41 33.94 -2.70
CA GLY B 260 -26.09 33.16 -1.51
C GLY B 260 -26.83 31.85 -1.40
N ARG B 261 -27.68 31.54 -2.39
CA ARG B 261 -28.24 30.19 -2.50
C ARG B 261 -27.08 29.22 -2.70
N ALA B 262 -27.24 27.99 -2.22
CA ALA B 262 -26.12 27.07 -2.15
C ALA B 262 -26.43 25.62 -2.50
N ALA B 263 -25.45 24.93 -3.07
CA ALA B 263 -25.43 23.47 -3.15
C ALA B 263 -24.52 22.94 -2.04
N VAL B 264 -25.10 22.18 -1.12
CA VAL B 264 -24.43 21.76 0.11
C VAL B 264 -24.19 20.24 0.11
N SER B 265 -22.94 19.86 0.34
CA SER B 265 -22.56 18.46 0.34
C SER B 265 -22.02 18.07 1.72
N ARG B 266 -22.72 17.15 2.38
CA ARG B 266 -22.35 16.75 3.73
C ARG B 266 -22.30 15.24 3.84
N GLY B 267 -21.42 14.74 4.69
CA GLY B 267 -21.36 13.31 4.89
C GLY B 267 -20.31 12.87 5.88
N ARG B 268 -20.03 11.58 5.86
CA ARG B 268 -19.03 10.97 6.72
C ARG B 268 -18.49 9.69 6.10
N LEU B 269 -17.40 9.18 6.65
CA LEU B 269 -16.80 7.97 6.14
C LEU B 269 -17.77 6.83 6.34
N ALA B 270 -17.93 6.00 5.32
CA ALA B 270 -18.80 4.83 5.39
C ALA B 270 -18.14 3.72 6.21
N THR B 271 -18.97 2.90 6.84
CA THR B 271 -18.52 1.63 7.42
C THR B 271 -18.70 0.55 6.35
N VAL B 272 -18.09 -0.62 6.56
CA VAL B 272 -18.11 -1.72 5.58
C VAL B 272 -19.53 -2.21 5.31
N GLU B 273 -20.34 -2.28 6.37
CA GLU B 273 -21.72 -2.77 6.29
C GLU B 273 -22.65 -1.86 5.49
N GLN B 274 -22.17 -0.68 5.11
CA GLN B 274 -22.96 0.28 4.34
C GLN B 274 -22.64 0.22 2.86
N LEU B 275 -21.66 -0.60 2.49
CA LEU B 275 -21.28 -0.74 1.10
C LEU B 275 -21.94 -1.96 0.48
N PRO B 276 -22.31 -1.86 -0.82
CA PRO B 276 -22.72 -3.05 -1.58
C PRO B 276 -21.64 -4.13 -1.55
N ALA B 277 -22.07 -5.38 -1.48
CA ALA B 277 -21.18 -6.53 -1.36
C ALA B 277 -19.99 -6.53 -2.33
N LYS B 278 -20.17 -5.85 -3.46
CA LYS B 278 -19.13 -5.76 -4.49
C LYS B 278 -17.93 -4.89 -4.07
N LEU B 279 -18.13 -4.09 -3.01
CA LEU B 279 -17.05 -3.27 -2.48
C LEU B 279 -16.54 -3.81 -1.13
N ARG B 280 -17.30 -4.71 -0.51
CA ARG B 280 -16.95 -5.27 0.80
C ARG B 280 -15.73 -6.19 0.77
N SER B 281 -15.41 -6.71 -0.40
CA SER B 281 -14.20 -7.52 -0.58
C SER B 281 -12.93 -6.66 -0.52
N GLU B 282 -13.04 -5.40 -0.93
CA GLU B 282 -11.91 -4.48 -0.97
C GLU B 282 -12.33 -3.06 -0.54
N PRO B 283 -12.87 -2.90 0.69
CA PRO B 283 -13.53 -1.66 1.10
C PRO B 283 -12.61 -0.45 1.24
N LEU B 284 -11.30 -0.70 1.32
CA LEU B 284 -10.31 0.34 1.52
C LEU B 284 -9.63 0.76 0.22
N LYS B 285 -10.09 0.21 -0.90
CA LYS B 285 -9.49 0.46 -2.22
C LYS B 285 -9.83 1.86 -2.75
N PHE B 286 -8.82 2.57 -3.24
CA PHE B 286 -9.08 3.78 -4.04
C PHE B 286 -8.44 3.71 -5.43
N ASP B 287 -9.22 4.07 -6.44
CA ASP B 287 -8.72 4.23 -7.81
C ASP B 287 -8.87 5.68 -8.27
N ALA B 288 -7.78 6.25 -8.79
CA ALA B 288 -7.75 7.63 -9.27
C ALA B 288 -8.68 7.86 -10.48
N PRO B 289 -9.18 9.10 -10.67
CA PRO B 289 -10.08 9.39 -11.79
C PRO B 289 -9.41 9.26 -13.15
N GLY B 312 -40.93 24.77 -10.39
CA GLY B 312 -39.86 25.73 -10.69
C GLY B 312 -38.80 25.67 -9.60
N GLU B 313 -39.02 26.43 -8.54
CA GLU B 313 -38.21 26.30 -7.33
C GLU B 313 -38.39 24.92 -6.68
N LEU B 314 -39.59 24.37 -6.77
CA LEU B 314 -39.87 23.01 -6.27
C LEU B 314 -38.98 21.94 -6.92
N TRP B 315 -38.84 22.02 -8.24
CA TRP B 315 -37.98 21.09 -8.95
C TRP B 315 -36.53 21.24 -8.58
N TYR B 316 -36.09 22.50 -8.46
CA TYR B 316 -34.73 22.86 -8.05
C TYR B 316 -34.30 22.15 -6.76
N ARG B 317 -35.18 22.20 -5.75
CA ARG B 317 -34.93 21.56 -4.46
C ARG B 317 -34.89 20.05 -4.59
N LYS B 318 -35.96 19.47 -5.14
CA LYS B 318 -36.05 18.04 -5.41
C LYS B 318 -34.79 17.54 -6.11
N SER B 319 -34.37 18.26 -7.14
CA SER B 319 -33.22 17.87 -7.97
C SER B 319 -31.89 17.80 -7.22
N GLY B 320 -31.64 18.75 -6.31
CA GLY B 320 -30.37 18.80 -5.60
C GLY B 320 -30.43 18.28 -4.18
N THR B 321 -31.46 17.49 -3.87
CA THR B 321 -31.61 16.85 -2.56
C THR B 321 -31.40 15.35 -2.72
N TYR B 322 -30.50 14.78 -1.92
CA TYR B 322 -30.34 13.33 -1.83
C TYR B 322 -29.91 12.90 -0.43
N ARG B 323 -30.16 11.64 -0.10
CA ARG B 323 -29.80 11.06 1.19
C ARG B 323 -29.09 9.71 1.01
N GLY B 324 -28.00 9.53 1.73
CA GLY B 324 -27.33 8.23 1.84
C GLY B 324 -26.62 7.76 0.59
N LYS B 325 -26.19 8.70 -0.24
CA LYS B 325 -25.45 8.37 -1.44
C LYS B 325 -24.03 7.88 -1.11
N VAL B 326 -23.64 6.75 -1.69
CA VAL B 326 -22.30 6.19 -1.55
C VAL B 326 -21.38 6.84 -2.60
N GLN B 327 -20.29 7.43 -2.15
CA GLN B 327 -19.35 8.13 -3.03
C GLN B 327 -17.90 7.87 -2.63
N ASN B 328 -17.01 7.74 -3.61
CA ASN B 328 -15.58 7.72 -3.33
C ASN B 328 -15.07 9.14 -3.09
N LEU B 329 -13.77 9.27 -2.81
CA LEU B 329 -13.19 10.59 -2.53
C LEU B 329 -13.36 11.53 -3.72
N THR B 330 -13.20 11.00 -4.93
CA THR B 330 -13.34 11.77 -6.16
C THR B 330 -14.74 12.38 -6.27
N GLN B 331 -15.77 11.55 -6.12
CA GLN B 331 -17.15 12.00 -6.24
C GLN B 331 -17.52 12.97 -5.12
N PHE B 332 -17.12 12.65 -3.90
CA PHE B 332 -17.49 13.42 -2.72
C PHE B 332 -16.71 14.73 -2.57
N TYR B 333 -15.42 14.72 -2.88
CA TYR B 333 -14.51 15.81 -2.49
C TYR B 333 -13.69 16.39 -3.64
N HIS B 334 -13.11 15.53 -4.48
CA HIS B 334 -12.17 15.97 -5.53
C HIS B 334 -12.62 15.60 -6.93
N PRO B 335 -13.56 16.36 -7.53
CA PRO B 335 -14.32 17.50 -7.01
C PRO B 335 -15.63 17.05 -6.35
N GLY B 350 -5.59 34.40 -15.68
CA GLY B 350 -6.24 35.65 -15.30
C GLY B 350 -7.27 35.48 -14.21
N PHE B 351 -6.82 35.04 -13.03
CA PHE B 351 -7.71 34.86 -11.88
C PHE B 351 -7.02 35.25 -10.56
N LEU B 352 -7.78 35.89 -9.69
CA LEU B 352 -7.34 36.19 -8.34
C LEU B 352 -8.22 35.43 -7.35
N GLN B 353 -7.60 34.54 -6.57
CA GLN B 353 -8.29 33.79 -5.55
C GLN B 353 -8.32 34.62 -4.26
N TYR B 354 -9.52 34.77 -3.68
CA TYR B 354 -9.68 35.55 -2.46
C TYR B 354 -10.39 34.71 -1.41
N GLN B 355 -9.71 34.42 -0.31
CA GLN B 355 -10.31 33.66 0.79
C GLN B 355 -10.26 34.42 2.11
N PHE B 356 -11.40 34.46 2.79
CA PHE B 356 -11.51 35.10 4.09
C PHE B 356 -12.49 34.35 4.98
N VAL B 357 -12.41 34.61 6.28
CA VAL B 357 -13.35 34.07 7.26
C VAL B 357 -13.90 35.19 8.15
N ILE B 358 -15.20 35.14 8.45
CA ILE B 358 -15.85 36.14 9.29
C ILE B 358 -16.33 35.42 10.55
N PRO B 359 -15.97 35.94 11.74
CA PRO B 359 -16.36 35.25 12.96
C PRO B 359 -17.87 34.99 13.01
N THR B 360 -18.24 33.87 13.61
CA THR B 360 -19.62 33.37 13.59
C THR B 360 -20.67 34.43 13.94
N GLU B 361 -20.49 35.09 15.09
CA GLU B 361 -21.51 36.00 15.62
C GLU B 361 -21.71 37.24 14.75
N ALA B 362 -20.78 37.51 13.85
CA ALA B 362 -20.87 38.66 12.95
C ALA B 362 -21.59 38.31 11.64
N VAL B 363 -22.71 37.60 11.78
CA VAL B 363 -23.47 37.11 10.62
C VAL B 363 -24.03 38.23 9.72
N ASP B 364 -24.62 39.26 10.34
CA ASP B 364 -25.16 40.39 9.57
C ASP B 364 -24.10 41.07 8.69
N GLU B 365 -22.90 41.27 9.23
CA GLU B 365 -21.84 41.85 8.41
C GLU B 365 -21.30 40.88 7.36
N PHE B 366 -21.35 39.58 7.65
CA PHE B 366 -21.00 38.57 6.65
C PHE B 366 -21.94 38.67 5.44
N LYS B 367 -23.24 38.75 5.70
CA LYS B 367 -24.24 39.02 4.65
C LYS B 367 -23.89 40.24 3.80
N LYS B 368 -23.53 41.34 4.45
CA LYS B 368 -23.19 42.58 3.74
C LYS B 368 -22.01 42.41 2.79
N ILE B 369 -20.97 41.69 3.23
CA ILE B 369 -19.80 41.42 2.37
C ILE B 369 -20.23 40.65 1.12
N ILE B 370 -21.12 39.67 1.29
CA ILE B 370 -21.62 38.90 0.16
C ILE B 370 -22.32 39.85 -0.81
N GLY B 371 -23.27 40.64 -0.31
CA GLY B 371 -23.96 41.68 -1.10
C GLY B 371 -23.00 42.60 -1.83
N VAL B 372 -21.99 43.08 -1.11
CA VAL B 372 -20.98 43.95 -1.71
C VAL B 372 -20.30 43.27 -2.91
N ILE B 373 -19.89 42.01 -2.75
CA ILE B 373 -19.26 41.23 -3.82
C ILE B 373 -20.17 41.15 -5.06
N GLN B 374 -21.43 40.79 -4.86
CA GLN B 374 -22.36 40.61 -5.99
C GLN B 374 -22.62 41.91 -6.76
N ALA B 375 -22.78 43.01 -6.00
CA ALA B 375 -23.05 44.32 -6.57
C ALA B 375 -21.83 44.92 -7.27
N SER B 376 -20.65 44.36 -7.00
CA SER B 376 -19.39 44.95 -7.46
C SER B 376 -19.20 44.85 -8.98
N GLY B 377 -19.95 43.95 -9.62
CA GLY B 377 -19.76 43.69 -11.04
C GLY B 377 -18.58 42.76 -11.31
N HIS B 378 -17.86 42.37 -10.26
CA HIS B 378 -16.82 41.36 -10.36
C HIS B 378 -17.44 40.02 -10.07
N TYR B 379 -17.47 39.16 -11.08
CA TYR B 379 -18.24 37.91 -11.00
C TYR B 379 -17.37 36.68 -10.73
N SER B 380 -17.81 35.88 -9.77
CA SER B 380 -17.10 34.66 -9.39
C SER B 380 -18.05 33.46 -9.44
N PHE B 381 -17.62 32.40 -10.11
CA PHE B 381 -18.39 31.16 -10.25
C PHE B 381 -17.92 30.07 -9.28
N LEU B 382 -16.61 29.99 -9.07
CA LEU B 382 -16.00 28.96 -8.25
C LEU B 382 -15.95 29.42 -6.79
N ASN B 383 -17.05 29.18 -6.08
CA ASN B 383 -17.27 29.71 -4.75
C ASN B 383 -17.38 28.61 -3.68
N VAL B 384 -16.65 28.78 -2.58
CA VAL B 384 -16.69 27.84 -1.47
C VAL B 384 -17.31 28.50 -0.25
N PHE B 385 -18.18 27.77 0.43
CA PHE B 385 -18.82 28.21 1.65
C PHE B 385 -18.69 27.11 2.70
N LYS B 386 -18.25 27.48 3.89
CA LYS B 386 -18.05 26.52 4.96
C LYS B 386 -18.03 27.17 6.34
N LEU B 387 -18.74 26.57 7.29
CA LEU B 387 -18.67 27.01 8.67
C LEU B 387 -17.52 26.31 9.43
N PHE B 388 -16.45 27.05 9.71
CA PHE B 388 -15.30 26.57 10.52
C PHE B 388 -15.73 26.26 11.96
N GLY B 389 -15.09 25.26 12.58
CA GLY B 389 -15.22 25.00 14.01
C GLY B 389 -14.16 25.73 14.83
N PRO B 390 -13.93 25.28 16.08
CA PRO B 390 -12.98 25.93 17.00
C PRO B 390 -11.56 26.03 16.43
N ARG B 391 -10.88 27.10 16.81
CA ARG B 391 -9.51 27.33 16.38
C ARG B 391 -8.54 26.49 17.20
N ASN B 392 -7.27 26.48 16.80
CA ASN B 392 -6.24 25.79 17.57
C ASN B 392 -5.25 26.77 18.18
N GLN B 393 -4.19 26.25 18.79
CA GLN B 393 -3.23 27.05 19.56
C GLN B 393 -2.28 27.90 18.74
N ALA B 394 -2.17 27.64 17.44
CA ALA B 394 -1.16 28.31 16.61
C ALA B 394 -1.47 29.80 16.44
N PRO B 395 -0.52 30.67 16.82
CA PRO B 395 -0.67 32.13 16.73
C PRO B 395 -1.14 32.60 15.34
N LEU B 396 -0.57 32.01 14.29
CA LEU B 396 -0.86 32.43 12.92
C LEU B 396 -1.83 31.52 12.15
N SER B 397 -2.47 30.57 12.84
CA SER B 397 -3.46 29.70 12.22
C SER B 397 -4.57 30.54 11.60
N PHE B 398 -4.91 30.25 10.34
CA PHE B 398 -5.98 30.98 9.64
C PHE B 398 -7.40 30.73 10.19
N PRO B 399 -7.82 29.44 10.34
CA PRO B 399 -9.22 29.24 10.78
C PRO B 399 -9.55 29.78 12.15
N ILE B 400 -10.75 30.35 12.27
CA ILE B 400 -11.36 30.69 13.54
C ILE B 400 -12.84 30.33 13.34
N PRO B 401 -13.60 30.11 14.43
CA PRO B 401 -15.01 29.76 14.20
C PRO B 401 -15.72 30.82 13.36
N GLY B 402 -16.37 30.38 12.29
CA GLY B 402 -17.15 31.30 11.49
C GLY B 402 -17.24 31.02 10.02
N TRP B 403 -17.58 32.07 9.28
CA TRP B 403 -18.02 31.96 7.89
C TRP B 403 -16.88 32.12 6.95
N ASN B 404 -16.47 30.99 6.37
CA ASN B 404 -15.33 30.93 5.45
C ASN B 404 -15.78 30.93 3.99
N ILE B 405 -15.13 31.79 3.20
CA ILE B 405 -15.46 32.03 1.80
C ILE B 405 -14.22 31.99 0.89
N CYS B 406 -14.33 31.24 -0.20
CA CYS B 406 -13.40 31.39 -1.31
C CYS B 406 -14.15 31.88 -2.53
N VAL B 407 -13.60 32.92 -3.16
CA VAL B 407 -14.10 33.43 -4.42
C VAL B 407 -12.95 33.52 -5.41
N ASP B 408 -13.28 33.43 -6.70
CA ASP B 408 -12.28 33.46 -7.76
C ASP B 408 -12.60 34.53 -8.80
N PHE B 409 -11.90 35.66 -8.73
CA PHE B 409 -12.19 36.80 -9.59
C PHE B 409 -11.30 36.85 -10.84
N PRO B 410 -11.93 36.93 -12.03
CA PRO B 410 -11.19 37.15 -13.27
C PRO B 410 -10.42 38.46 -13.18
N ILE B 411 -9.13 38.45 -13.51
CA ILE B 411 -8.36 39.69 -13.53
C ILE B 411 -8.95 40.64 -14.59
N LYS B 412 -9.49 41.76 -14.12
CA LYS B 412 -10.04 42.80 -14.99
C LYS B 412 -9.96 44.18 -14.31
N ASP B 413 -10.51 45.19 -14.98
CA ASP B 413 -10.43 46.59 -14.53
C ASP B 413 -11.04 46.93 -13.18
N GLY B 414 -10.20 47.47 -12.30
CA GLY B 414 -10.62 47.93 -10.97
C GLY B 414 -10.54 46.91 -9.86
N LEU B 415 -10.19 45.66 -10.20
CA LEU B 415 -10.23 44.55 -9.24
C LEU B 415 -9.39 44.80 -7.99
N GLY B 416 -8.14 45.18 -8.18
CA GLY B 416 -7.21 45.47 -7.08
C GLY B 416 -7.78 46.46 -6.08
N LYS B 417 -8.41 47.51 -6.60
CA LYS B 417 -9.03 48.54 -5.77
C LYS B 417 -10.21 47.94 -4.99
N PHE B 418 -11.02 47.12 -5.67
CA PHE B 418 -12.16 46.48 -5.03
C PHE B 418 -11.77 45.48 -3.93
N VAL B 419 -10.72 44.70 -4.19
CA VAL B 419 -10.26 43.70 -3.23
C VAL B 419 -9.72 44.38 -1.96
N SER B 420 -9.01 45.48 -2.12
CA SER B 420 -8.61 46.36 -1.02
C SER B 420 -9.79 46.76 -0.14
N GLU B 421 -10.92 47.12 -0.77
CA GLU B 421 -12.12 47.48 -0.04
C GLU B 421 -12.67 46.29 0.74
N LEU B 422 -12.55 45.09 0.14
CA LEU B 422 -12.94 43.86 0.80
C LEU B 422 -12.10 43.59 2.04
N ASP B 423 -10.77 43.76 1.89
CA ASP B 423 -9.83 43.65 3.03
C ASP B 423 -10.27 44.48 4.22
N ARG B 424 -10.60 45.74 3.98
CA ARG B 424 -10.94 46.66 5.07
C ARG B 424 -12.24 46.25 5.74
N ARG B 425 -13.16 45.69 4.95
CA ARG B 425 -14.41 45.18 5.51
C ARG B 425 -14.18 43.92 6.36
N VAL B 426 -13.39 42.98 5.83
CA VAL B 426 -13.05 41.76 6.57
C VAL B 426 -12.34 42.15 7.88
N LEU B 427 -11.37 43.06 7.74
CA LEU B 427 -10.66 43.66 8.89
C LEU B 427 -11.62 44.25 9.91
N GLU B 428 -12.53 45.12 9.45
CA GLU B 428 -13.50 45.78 10.31
C GLU B 428 -14.26 44.79 11.17
N PHE B 429 -14.70 43.70 10.55
CA PHE B 429 -15.58 42.77 11.24
C PHE B 429 -14.85 41.63 11.96
N GLY B 430 -13.54 41.80 12.17
CA GLY B 430 -12.78 40.86 12.97
C GLY B 430 -12.39 39.59 12.23
N GLY B 431 -12.41 39.64 10.90
CA GLY B 431 -12.05 38.49 10.08
C GLY B 431 -10.59 38.52 9.65
N ARG B 432 -10.21 37.59 8.79
CA ARG B 432 -8.84 37.54 8.29
C ARG B 432 -8.73 36.90 6.90
N LEU B 433 -7.61 37.19 6.25
CA LEU B 433 -7.21 36.50 5.02
C LEU B 433 -6.27 35.36 5.36
N TYR B 434 -5.94 34.56 4.35
CA TYR B 434 -5.20 33.31 4.50
C TYR B 434 -3.92 33.46 3.71
N THR B 435 -2.77 33.21 4.36
CA THR B 435 -1.47 33.33 3.67
C THR B 435 -1.35 32.45 2.43
N ALA B 436 -1.96 31.26 2.48
CA ALA B 436 -1.87 30.30 1.38
C ALA B 436 -2.55 30.80 0.10
N LYS B 437 -3.42 31.80 0.22
CA LYS B 437 -4.12 32.36 -0.93
C LYS B 437 -3.64 33.76 -1.29
N ASP B 438 -3.15 34.51 -0.30
CA ASP B 438 -2.87 35.93 -0.46
C ASP B 438 -1.56 36.24 -1.16
N SER B 439 -1.64 37.20 -2.09
CA SER B 439 -0.48 37.69 -2.82
C SER B 439 -0.27 39.21 -2.68
N ARG B 440 -1.29 39.93 -2.21
CA ARG B 440 -1.27 41.39 -2.34
C ARG B 440 -1.46 42.28 -1.11
N THR B 441 -2.10 41.78 -0.06
CA THR B 441 -2.42 42.62 1.09
C THR B 441 -1.16 43.27 1.71
N THR B 442 -1.38 44.33 2.50
CA THR B 442 -0.27 45.03 3.15
C THR B 442 0.04 44.42 4.51
N ALA B 443 1.24 44.72 5.00
CA ALA B 443 1.68 44.29 6.33
C ALA B 443 0.76 44.74 7.47
N GLU B 444 0.24 45.98 7.37
CA GLU B 444 -0.65 46.51 8.43
C GLU B 444 -1.96 45.75 8.52
N THR B 445 -2.53 45.47 7.36
CA THR B 445 -3.78 44.71 7.28
C THR B 445 -3.59 43.33 7.91
N PHE B 446 -2.55 42.62 7.46
CA PHE B 446 -2.24 41.30 7.99
C PHE B 446 -2.02 41.33 9.50
N HIS B 447 -1.17 42.24 9.95
CA HIS B 447 -0.82 42.31 11.37
C HIS B 447 -2.03 42.56 12.22
N ALA B 448 -2.98 43.36 11.71
CA ALA B 448 -4.23 43.67 12.41
C ALA B 448 -5.24 42.51 12.36
N MET B 449 -5.15 41.69 11.32
CA MET B 449 -6.02 40.52 11.21
C MET B 449 -5.59 39.41 12.14
N TYR B 450 -4.31 39.42 12.52
CA TYR B 450 -3.75 38.41 13.40
C TYR B 450 -3.21 39.03 14.69
N PRO B 451 -4.07 39.22 15.70
CA PRO B 451 -3.67 39.87 16.96
C PRO B 451 -2.55 39.18 17.74
N ARG B 452 -2.25 37.92 17.41
CA ARG B 452 -1.16 37.20 18.10
C ARG B 452 0.13 37.24 17.29
N VAL B 453 0.18 38.09 16.27
CA VAL B 453 1.33 38.18 15.36
C VAL B 453 2.64 38.59 16.04
N ASP B 454 2.58 39.50 17.02
CA ASP B 454 3.80 39.95 17.70
C ASP B 454 4.34 38.87 18.62
N GLU B 455 3.43 38.17 19.30
CA GLU B 455 3.76 36.97 20.08
C GLU B 455 4.47 35.95 19.19
N TRP B 456 3.95 35.76 17.97
CA TRP B 456 4.56 34.89 16.99
C TRP B 456 5.94 35.34 16.56
N ILE B 457 6.06 36.62 16.18
CA ILE B 457 7.34 37.19 15.71
C ILE B 457 8.45 37.06 16.75
N SER B 458 8.06 37.21 18.02
CA SER B 458 8.98 37.02 19.13
C SER B 458 9.60 35.62 19.11
N VAL B 459 8.74 34.60 19.08
CA VAL B 459 9.16 33.20 19.02
C VAL B 459 10.11 32.98 17.84
N ARG B 460 9.75 33.52 16.67
CA ARG B 460 10.53 33.28 15.46
C ARG B 460 11.90 34.00 15.44
N ARG B 461 11.99 35.17 16.05
CA ARG B 461 13.27 35.87 16.23
C ARG B 461 14.14 35.12 17.23
N LYS B 462 13.52 34.59 18.28
CA LYS B 462 14.19 33.74 19.24
C LYS B 462 14.86 32.54 18.58
N VAL B 463 14.18 31.91 17.62
CA VAL B 463 14.71 30.73 16.92
C VAL B 463 15.57 31.09 15.71
N ASP B 464 15.38 32.28 15.16
CA ASP B 464 16.10 32.70 13.95
C ASP B 464 16.50 34.18 13.99
N PRO B 465 17.41 34.55 14.93
CA PRO B 465 17.77 35.96 15.13
C PRO B 465 18.43 36.64 13.93
N LEU B 466 19.21 35.88 13.16
CA LEU B 466 20.00 36.45 12.07
C LEU B 466 19.29 36.40 10.72
N ARG B 467 18.01 36.05 10.74
CA ARG B 467 17.16 35.95 9.53
C ARG B 467 17.68 35.00 8.45
N VAL B 468 18.06 33.79 8.86
CA VAL B 468 18.50 32.75 7.91
C VAL B 468 17.32 32.28 7.05
N PHE B 469 16.11 32.32 7.61
CA PHE B 469 14.90 31.99 6.85
C PHE B 469 14.08 33.22 6.49
N ALA B 470 13.78 33.35 5.20
CA ALA B 470 13.05 34.50 4.66
C ALA B 470 12.42 34.16 3.31
N SER B 471 11.31 34.83 3.00
CA SER B 471 10.59 34.66 1.74
C SER B 471 10.06 36.01 1.26
N ASP B 472 9.52 36.06 0.04
CA ASP B 472 8.89 37.28 -0.48
C ASP B 472 7.71 37.70 0.40
N MET B 473 6.97 36.71 0.90
CA MET B 473 5.85 36.99 1.79
C MET B 473 6.31 37.62 3.11
N ALA B 474 7.34 37.01 3.71
CA ALA B 474 7.89 37.51 4.97
C ALA B 474 8.28 38.98 4.89
N ARG B 475 8.85 39.37 3.76
CA ARG B 475 9.29 40.76 3.58
C ARG B 475 8.09 41.69 3.32
N ARG B 476 7.21 41.31 2.40
CA ARG B 476 5.98 42.06 2.13
C ARG B 476 5.09 42.26 3.37
N LEU B 477 4.90 41.18 4.14
CA LEU B 477 4.02 41.24 5.30
C LEU B 477 4.77 41.53 6.60
N GLU B 478 6.07 41.79 6.47
CA GLU B 478 6.94 42.11 7.60
C GLU B 478 6.78 41.14 8.75
N LEU B 479 7.19 39.89 8.53
CA LEU B 479 7.07 38.87 9.57
C LEU B 479 8.43 38.42 10.13
N LEU B 480 9.51 39.00 9.60
CA LEU B 480 10.86 38.67 10.07
C LEU B 480 11.18 39.24 11.46
#